data_5KE1
#
_entry.id   5KE1
#
_cell.length_a   35.870
_cell.length_b   84.670
_cell.length_c   114.270
_cell.angle_alpha   90.000
_cell.angle_beta   98.460
_cell.angle_gamma   90.000
#
_symmetry.space_group_name_H-M   'P 1 21 1'
#
loop_
_entity.id
_entity.type
_entity.pdbx_description
1 polymer 'Outer membrane protein IcsA autotransporter'
2 non-polymer 'NICKEL (II) ION'
3 water water
#
_entity_poly.entity_id   1
_entity_poly.type   'polypeptide(L)'
_entity_poly.pdbx_seq_one_letter_code
;GFGNNVKVEAIINNWAQKDYKLLSADKGITGFSVSNISIINPLLTTGAIDYTKSYISDQNKLIYGLSWNDTDGDSHGEFN
LKENAELTVSTILADNLSHHNINSWDGKSLTKSGEGTLILAEKNTYSGFTNINAGILKMGTVEAMTRTAGVIVNKGATLN
FSGMNQTVNTLLNSGTVLINNINAPFLPDPVIVTGNMTLEKNGHVILNNSSSNVGQTYVQKGNWHGKGGILSLGAVLGND
NSKTDRLEIAGHASGITYVAVTNEGGSGDKTLEGVQIISTDSSDKNAFIQKGRIVAGSYDYRLKQGTVSGLNTNKWYLTS
QMDNQESKQMSNQESTQMSSR
;
_entity_poly.pdbx_strand_id   A,B
#
loop_
_chem_comp.id
_chem_comp.type
_chem_comp.name
_chem_comp.formula
NI non-polymer 'NICKEL (II) ION' 'Ni 2'
#
# COMPACT_ATOMS: atom_id res chain seq x y z
N PHE A 2 15.34 50.00 -24.03
CA PHE A 2 14.55 50.91 -24.85
C PHE A 2 13.59 50.15 -25.77
N GLY A 3 13.50 48.84 -25.59
CA GLY A 3 12.55 48.05 -26.36
C GLY A 3 11.12 48.41 -26.01
N ASN A 4 10.21 48.07 -26.94
CA ASN A 4 8.80 48.30 -26.71
C ASN A 4 8.31 47.51 -25.51
N ASN A 5 8.64 46.21 -25.47
CA ASN A 5 8.25 45.33 -24.38
C ASN A 5 9.54 44.90 -23.69
N VAL A 6 9.93 45.62 -22.65
CA VAL A 6 11.16 45.34 -21.91
C VAL A 6 10.84 44.29 -20.86
N LYS A 7 11.34 43.07 -21.07
CA LYS A 7 11.13 41.97 -20.14
C LYS A 7 12.40 41.76 -19.33
N VAL A 8 12.25 41.70 -18.01
CA VAL A 8 13.34 41.51 -17.08
C VAL A 8 13.07 40.25 -16.27
N GLU A 9 14.07 39.38 -16.18
CA GLU A 9 14.01 38.22 -15.31
C GLU A 9 14.56 38.63 -13.95
N ALA A 10 13.74 38.46 -12.90
CA ALA A 10 14.13 38.83 -11.54
C ALA A 10 14.37 37.56 -10.73
N ILE A 11 15.61 37.35 -10.31
CA ILE A 11 16.00 36.16 -9.57
C ILE A 11 16.12 36.52 -8.09
N ILE A 12 15.18 36.03 -7.28
CA ILE A 12 15.22 36.18 -5.83
C ILE A 12 14.98 34.79 -5.25
N ASN A 13 16.06 34.08 -4.90
CA ASN A 13 15.96 32.76 -4.29
C ASN A 13 15.70 32.83 -2.79
N ASN A 14 16.04 33.95 -2.15
CA ASN A 14 15.78 34.14 -0.73
C ASN A 14 15.12 35.50 -0.54
N TRP A 15 13.80 35.51 -0.42
CA TRP A 15 13.04 36.75 -0.26
C TRP A 15 13.20 37.22 1.19
N ALA A 16 14.08 38.20 1.39
CA ALA A 16 14.51 38.58 2.73
C ALA A 16 14.13 40.01 3.12
N GLN A 17 13.45 40.74 2.24
CA GLN A 17 12.93 42.08 2.50
C GLN A 17 11.44 42.04 2.19
N LYS A 18 10.70 43.05 2.68
CA LYS A 18 9.31 43.18 2.29
C LYS A 18 9.19 43.33 0.77
N ASP A 19 9.87 44.30 0.20
CA ASP A 19 9.87 44.45 -1.24
C ASP A 19 11.23 44.97 -1.69
N TYR A 20 11.48 44.83 -2.99
CA TYR A 20 12.77 45.14 -3.61
C TYR A 20 12.59 46.20 -4.69
N LYS A 21 13.50 47.17 -4.70
CA LYS A 21 13.58 48.14 -5.79
C LYS A 21 14.40 47.53 -6.92
N LEU A 22 13.78 47.32 -8.07
CA LEU A 22 14.42 46.66 -9.20
C LEU A 22 14.97 47.61 -10.25
N LEU A 23 14.15 48.55 -10.72
CA LEU A 23 14.48 49.44 -11.82
C LEU A 23 13.99 50.85 -11.50
N SER A 24 14.72 51.85 -12.00
CA SER A 24 14.27 53.23 -11.92
C SER A 24 14.90 54.03 -13.06
N ALA A 25 14.26 55.14 -13.40
CA ALA A 25 14.76 55.98 -14.49
C ALA A 25 14.03 57.32 -14.47
N ASP A 26 14.68 58.34 -15.03
CA ASP A 26 14.06 59.63 -15.24
C ASP A 26 13.33 59.57 -16.57
N LYS A 27 12.00 59.44 -16.50
CA LYS A 27 11.21 59.25 -17.71
C LYS A 27 11.28 60.47 -18.63
N GLY A 28 11.22 61.68 -18.05
CA GLY A 28 11.22 62.88 -18.88
C GLY A 28 12.49 63.01 -19.71
N ILE A 29 13.63 62.67 -19.14
CA ILE A 29 14.91 62.85 -19.83
C ILE A 29 15.14 61.73 -20.83
N THR A 30 14.87 60.49 -20.43
CA THR A 30 15.25 59.32 -21.21
C THR A 30 14.11 58.69 -21.98
N GLY A 31 12.86 59.03 -21.68
CA GLY A 31 11.74 58.34 -22.28
C GLY A 31 11.68 56.86 -21.93
N PHE A 32 12.39 56.43 -20.90
CA PHE A 32 12.39 55.04 -20.45
C PHE A 32 11.41 54.92 -19.29
N SER A 33 10.26 54.32 -19.55
CA SER A 33 9.19 54.17 -18.56
C SER A 33 9.17 52.76 -18.00
N VAL A 34 9.16 52.65 -16.67
CA VAL A 34 9.08 51.32 -16.04
C VAL A 34 7.69 50.73 -16.18
N SER A 35 6.68 51.52 -16.56
CA SER A 35 5.38 50.96 -16.87
C SER A 35 5.47 49.99 -18.05
N ASN A 36 6.44 50.21 -18.95
CA ASN A 36 6.64 49.36 -20.12
C ASN A 36 7.51 48.14 -19.82
N ILE A 37 7.49 47.62 -18.59
CA ILE A 37 8.36 46.53 -18.16
C ILE A 37 7.51 45.40 -17.61
N SER A 38 7.87 44.17 -17.96
CA SER A 38 7.24 42.97 -17.43
C SER A 38 8.30 42.13 -16.73
N ILE A 39 8.03 41.72 -15.50
CA ILE A 39 9.01 41.00 -14.69
C ILE A 39 8.71 39.51 -14.77
N ILE A 40 9.71 38.74 -15.22
CA ILE A 40 9.58 37.29 -15.38
C ILE A 40 10.14 36.60 -14.15
N ASN A 41 9.36 35.67 -13.60
CA ASN A 41 9.74 34.95 -12.38
C ASN A 41 10.15 33.53 -12.75
N PRO A 42 11.45 33.19 -12.77
CA PRO A 42 11.86 31.87 -13.27
C PRO A 42 11.54 30.73 -12.31
N LEU A 43 11.25 31.02 -11.04
CA LEU A 43 10.91 29.98 -10.08
C LEU A 43 9.45 29.57 -10.17
N LEU A 44 8.65 30.32 -10.92
CA LEU A 44 7.20 30.11 -10.98
C LEU A 44 6.89 28.96 -11.93
N THR A 45 6.00 28.06 -11.49
CA THR A 45 5.45 27.07 -12.40
C THR A 45 4.82 27.78 -13.59
N THR A 46 5.16 27.32 -14.80
CA THR A 46 4.75 28.04 -16.01
C THR A 46 3.24 28.17 -16.06
N GLY A 47 2.77 29.41 -16.23
CA GLY A 47 1.35 29.68 -16.35
C GLY A 47 0.58 29.71 -15.04
N ALA A 48 1.25 29.69 -13.90
CA ALA A 48 0.58 29.69 -12.61
C ALA A 48 0.38 31.12 -12.11
N ILE A 49 -0.50 31.26 -11.12
CA ILE A 49 -0.68 32.54 -10.45
C ILE A 49 0.65 32.93 -9.81
N ASP A 50 1.05 34.18 -9.99
CA ASP A 50 2.37 34.63 -9.56
C ASP A 50 2.29 35.08 -8.11
N TYR A 51 3.25 34.63 -7.30
CA TYR A 51 3.31 35.06 -5.91
C TYR A 51 3.98 36.42 -5.73
N THR A 52 4.39 37.07 -6.82
CA THR A 52 4.97 38.41 -6.76
C THR A 52 4.04 39.41 -7.45
N LYS A 53 4.27 40.68 -7.15
CA LYS A 53 3.53 41.76 -7.77
C LYS A 53 4.47 42.94 -7.90
N SER A 54 4.47 43.59 -9.05
CA SER A 54 5.31 44.75 -9.29
C SER A 54 4.44 46.00 -9.28
N TYR A 55 4.90 47.02 -8.55
CA TYR A 55 4.18 48.28 -8.43
C TYR A 55 4.99 49.40 -9.07
N ILE A 56 4.30 50.36 -9.67
CA ILE A 56 4.94 51.51 -10.31
C ILE A 56 4.70 52.71 -9.41
N SER A 57 5.77 53.23 -8.82
CA SER A 57 5.66 54.37 -7.93
C SER A 57 5.36 55.63 -8.73
N ASP A 58 5.17 56.74 -7.99
CA ASP A 58 4.89 58.04 -8.61
C ASP A 58 6.06 58.57 -9.43
N GLN A 59 7.28 58.09 -9.17
CA GLN A 59 8.48 58.64 -9.78
C GLN A 59 9.18 57.64 -10.69
N ASN A 60 8.41 56.80 -11.38
CA ASN A 60 8.97 55.89 -12.37
C ASN A 60 9.97 54.93 -11.75
N LYS A 61 9.63 54.40 -10.57
CA LYS A 61 10.41 53.38 -9.89
C LYS A 61 9.57 52.10 -9.83
N LEU A 62 10.19 50.97 -10.15
CA LEU A 62 9.52 49.67 -10.16
C LEU A 62 9.87 48.90 -8.89
N ILE A 63 8.86 48.65 -8.06
CA ILE A 63 9.04 47.95 -6.80
C ILE A 63 8.43 46.55 -6.96
N TYR A 64 9.07 45.56 -6.34
CA TYR A 64 8.70 44.15 -6.44
C TYR A 64 8.28 43.65 -5.07
N GLY A 65 7.04 43.20 -4.94
CA GLY A 65 6.50 42.79 -3.66
C GLY A 65 5.87 41.41 -3.73
N LEU A 66 5.50 40.91 -2.55
CA LEU A 66 4.82 39.62 -2.44
C LEU A 66 3.31 39.82 -2.58
N SER A 67 2.70 38.99 -3.42
CA SER A 67 1.24 38.99 -3.52
C SER A 67 0.59 38.82 -2.16
N TRP A 68 1.23 38.03 -1.28
CA TRP A 68 0.71 37.85 0.08
C TRP A 68 0.39 39.19 0.73
N ASN A 69 1.22 40.20 0.48
CA ASN A 69 1.12 41.46 1.18
C ASN A 69 0.37 42.54 0.40
N ASP A 70 -0.18 42.22 -0.77
CA ASP A 70 -0.82 43.23 -1.59
C ASP A 70 -2.05 43.81 -0.87
N THR A 71 -2.20 45.12 -0.95
CA THR A 71 -3.31 45.82 -0.32
C THR A 71 -4.25 46.45 -1.36
N ASP A 72 -4.07 46.13 -2.63
CA ASP A 72 -4.87 46.73 -3.71
C ASP A 72 -5.84 45.72 -4.33
N GLY A 73 -6.17 44.65 -3.62
CA GLY A 73 -7.15 43.70 -4.07
C GLY A 73 -6.63 42.55 -4.90
N ASP A 74 -5.32 42.39 -5.00
CA ASP A 74 -4.72 41.31 -5.79
C ASP A 74 -3.97 40.30 -4.93
N SER A 75 -4.27 40.26 -3.62
CA SER A 75 -3.52 39.39 -2.74
C SER A 75 -3.97 37.94 -2.87
N HIS A 76 -3.09 37.03 -2.47
CA HIS A 76 -3.38 35.60 -2.38
C HIS A 76 -2.23 34.96 -1.63
N GLY A 77 -2.45 33.74 -1.14
CA GLY A 77 -1.48 33.08 -0.29
C GLY A 77 -0.76 31.91 -0.93
N GLU A 78 -0.78 31.82 -2.25
CA GLU A 78 -0.29 30.65 -2.96
C GLU A 78 1.11 30.87 -3.50
N PHE A 79 1.97 29.86 -3.33
CA PHE A 79 3.32 29.82 -3.90
C PHE A 79 3.38 28.58 -4.78
N ASN A 80 3.34 28.78 -6.09
CA ASN A 80 3.37 27.67 -7.05
C ASN A 80 4.76 27.66 -7.68
N LEU A 81 5.59 26.72 -7.24
CA LEU A 81 7.01 26.71 -7.58
C LEU A 81 7.28 25.55 -8.53
N LYS A 82 8.02 25.81 -9.60
CA LYS A 82 8.27 24.80 -10.61
C LYS A 82 9.23 23.73 -10.10
N GLU A 83 9.30 22.63 -10.83
CA GLU A 83 10.16 21.54 -10.40
C GLU A 83 11.60 22.02 -10.28
N ASN A 84 12.29 21.56 -9.24
CA ASN A 84 13.68 21.85 -8.95
C ASN A 84 13.93 23.31 -8.57
N ALA A 85 12.89 24.14 -8.45
CA ALA A 85 13.03 25.48 -7.93
C ALA A 85 12.91 25.46 -6.41
N GLU A 86 13.63 26.36 -5.75
CA GLU A 86 13.68 26.39 -4.28
C GLU A 86 13.62 27.84 -3.81
N LEU A 87 12.51 28.22 -3.17
CA LEU A 87 12.33 29.57 -2.65
C LEU A 87 12.38 29.53 -1.13
N THR A 88 13.24 30.37 -0.56
CA THR A 88 13.29 30.62 0.87
C THR A 88 12.63 31.95 1.17
N VAL A 89 11.66 31.95 2.08
CA VAL A 89 10.97 33.16 2.51
C VAL A 89 11.53 33.52 3.88
N SER A 90 12.29 34.62 3.92
CA SER A 90 12.88 35.14 5.14
C SER A 90 12.24 36.47 5.53
N THR A 91 10.97 36.64 5.20
CA THR A 91 10.16 37.74 5.68
C THR A 91 8.90 37.15 6.33
N ILE A 92 8.40 37.83 7.36
CA ILE A 92 7.32 37.29 8.17
C ILE A 92 6.02 37.36 7.37
N LEU A 93 5.37 36.21 7.19
CA LEU A 93 4.06 36.15 6.56
C LEU A 93 3.01 36.24 7.66
N ALA A 94 2.22 37.31 7.65
CA ALA A 94 1.20 37.55 8.65
C ALA A 94 -0.16 37.71 7.97
N ASP A 95 -1.23 37.59 8.76
CA ASP A 95 -2.57 37.73 8.20
C ASP A 95 -2.71 39.08 7.49
N ASN A 96 -3.26 39.04 6.28
CA ASN A 96 -3.47 40.22 5.46
C ASN A 96 -4.93 40.66 5.59
N LEU A 97 -5.13 41.82 6.20
CA LEU A 97 -6.47 42.36 6.42
C LEU A 97 -7.02 43.12 5.20
N SER A 98 -6.34 43.12 4.07
CA SER A 98 -6.82 43.85 2.89
C SER A 98 -8.21 43.33 2.49
N HIS A 99 -8.92 44.16 1.73
CA HIS A 99 -10.31 43.89 1.38
C HIS A 99 -10.43 42.65 0.48
N HIS A 100 -11.62 42.06 0.49
CA HIS A 100 -11.91 40.91 -0.36
C HIS A 100 -11.42 41.16 -1.78
N ASN A 101 -10.90 40.12 -2.42
CA ASN A 101 -10.04 40.29 -3.58
C ASN A 101 -10.50 39.42 -4.74
N ILE A 102 -9.79 39.57 -5.86
CA ILE A 102 -10.09 38.86 -7.09
C ILE A 102 -9.85 37.36 -6.92
N ASN A 103 -8.88 36.98 -6.08
CA ASN A 103 -8.53 35.58 -5.87
C ASN A 103 -9.29 34.95 -4.71
N SER A 104 -10.30 35.63 -4.18
CA SER A 104 -11.12 35.15 -3.06
C SER A 104 -10.28 34.40 -2.03
N TRP A 105 -9.31 35.12 -1.47
CA TRP A 105 -8.39 34.58 -0.49
C TRP A 105 -8.81 35.02 0.91
N ASP A 106 -8.81 34.09 1.86
CA ASP A 106 -9.18 34.44 3.23
C ASP A 106 -8.17 35.37 3.88
N GLY A 107 -7.04 35.65 3.22
CA GLY A 107 -6.02 36.48 3.82
C GLY A 107 -5.25 35.84 4.94
N LYS A 108 -5.47 34.54 5.18
CA LYS A 108 -4.95 33.85 6.35
C LYS A 108 -4.17 32.58 6.00
N SER A 109 -4.52 31.94 4.88
CA SER A 109 -4.08 30.58 4.58
C SER A 109 -2.97 30.56 3.53
N LEU A 110 -1.97 29.72 3.76
CA LEU A 110 -0.85 29.53 2.83
C LEU A 110 -1.07 28.26 2.02
N THR A 111 -0.91 28.36 0.71
CA THR A 111 -1.04 27.21 -0.18
C THR A 111 0.30 27.01 -0.91
N LYS A 112 0.88 25.83 -0.73
CA LYS A 112 2.08 25.44 -1.45
C LYS A 112 1.69 24.53 -2.61
N SER A 113 2.06 24.92 -3.83
CA SER A 113 1.70 24.16 -5.02
C SER A 113 2.95 24.02 -5.90
N GLY A 114 2.79 23.31 -7.00
CA GLY A 114 3.90 23.06 -7.90
C GLY A 114 4.85 22.02 -7.32
N GLU A 115 5.80 21.57 -8.14
CA GLU A 115 6.71 20.49 -7.77
C GLU A 115 7.94 20.96 -7.01
N GLY A 116 8.18 22.26 -6.91
CA GLY A 116 9.35 22.80 -6.25
C GLY A 116 9.22 22.85 -4.74
N THR A 117 10.19 23.51 -4.13
CA THR A 117 10.38 23.53 -2.68
C THR A 117 10.23 24.94 -2.15
N LEU A 118 9.40 25.10 -1.11
CA LEU A 118 9.25 26.37 -0.40
C LEU A 118 9.83 26.19 0.99
N ILE A 119 10.77 27.07 1.37
CA ILE A 119 11.40 27.03 2.67
C ILE A 119 10.93 28.22 3.49
N LEU A 120 10.29 27.95 4.62
CA LEU A 120 9.84 28.99 5.56
C LEU A 120 10.93 29.23 6.59
N ALA A 121 11.61 30.37 6.48
CA ALA A 121 12.74 30.69 7.34
C ALA A 121 12.44 31.78 8.37
N GLU A 122 11.20 32.27 8.42
CA GLU A 122 10.82 33.22 9.46
C GLU A 122 9.76 32.61 10.36
N LYS A 123 9.51 33.32 11.46
CA LYS A 123 8.49 32.92 12.42
C LYS A 123 7.17 33.56 12.01
N ASN A 124 6.53 32.94 11.02
CA ASN A 124 5.31 33.49 10.46
C ASN A 124 4.17 33.44 11.47
N THR A 125 3.25 34.40 11.35
CA THR A 125 2.13 34.55 12.29
C THR A 125 0.78 34.32 11.64
N TYR A 126 0.74 33.87 10.39
CA TYR A 126 -0.56 33.68 9.74
C TYR A 126 -1.35 32.60 10.49
N SER A 127 -2.67 32.78 10.53
CA SER A 127 -3.53 31.97 11.39
C SER A 127 -4.46 31.07 10.60
N GLY A 128 -4.40 31.08 9.28
CA GLY A 128 -5.16 30.15 8.47
C GLY A 128 -4.45 28.83 8.32
N PHE A 129 -4.98 28.02 7.41
CA PHE A 129 -4.44 26.69 7.15
C PHE A 129 -3.16 26.74 6.32
N THR A 130 -2.37 25.70 6.44
CA THR A 130 -1.20 25.49 5.60
C THR A 130 -1.50 24.32 4.67
N ASN A 131 -1.85 24.64 3.44
CA ASN A 131 -2.24 23.65 2.43
C ASN A 131 -1.01 23.28 1.61
N ILE A 132 -0.49 22.08 1.84
CA ILE A 132 0.66 21.58 1.09
C ILE A 132 0.10 20.63 0.04
N ASN A 133 -0.20 21.18 -1.14
CA ASN A 133 -0.85 20.45 -2.21
C ASN A 133 0.13 19.68 -3.09
N ALA A 134 1.34 20.19 -3.29
CA ALA A 134 2.31 19.52 -4.14
C ALA A 134 3.70 20.00 -3.75
N GLY A 135 4.70 19.22 -4.16
CA GLY A 135 6.07 19.58 -3.86
C GLY A 135 6.37 19.48 -2.37
N ILE A 136 7.28 20.33 -1.92
CA ILE A 136 7.85 20.21 -0.59
C ILE A 136 7.73 21.54 0.13
N LEU A 137 7.13 21.51 1.32
CA LEU A 137 7.24 22.60 2.27
C LEU A 137 8.30 22.21 3.29
N LYS A 138 9.38 22.97 3.35
CA LYS A 138 10.54 22.65 4.15
C LYS A 138 10.73 23.72 5.22
N MET A 139 11.04 23.29 6.44
CA MET A 139 11.21 24.24 7.55
C MET A 139 12.63 24.77 7.55
N GLY A 140 12.77 26.10 7.66
CA GLY A 140 14.07 26.73 7.71
C GLY A 140 14.34 27.38 9.06
N THR A 141 13.36 27.31 9.94
CA THR A 141 13.51 27.80 11.30
C THR A 141 12.60 26.99 12.20
N VAL A 142 12.90 27.05 13.50
CA VAL A 142 12.01 26.47 14.50
C VAL A 142 10.78 27.36 14.63
N GLU A 143 9.64 26.74 14.93
CA GLU A 143 8.37 27.45 15.12
C GLU A 143 8.15 28.46 13.99
N ALA A 144 8.02 27.91 12.78
CA ALA A 144 7.81 28.72 11.60
C ALA A 144 6.35 29.10 11.37
N MET A 145 5.40 28.46 12.06
CA MET A 145 4.00 28.76 11.80
C MET A 145 3.13 28.40 13.00
N THR A 146 3.39 29.01 14.16
CA THR A 146 2.78 28.54 15.40
C THR A 146 1.28 28.81 15.44
N ARG A 147 0.78 29.75 14.65
CA ARG A 147 -0.62 30.13 14.71
C ARG A 147 -1.48 29.43 13.66
N THR A 148 -0.89 28.55 12.86
CA THR A 148 -1.64 27.94 11.77
C THR A 148 -2.87 27.20 12.29
N ALA A 149 -3.99 27.37 11.57
CA ALA A 149 -5.19 26.64 11.90
C ALA A 149 -5.00 25.15 11.76
N GLY A 150 -4.09 24.74 10.89
CA GLY A 150 -3.83 23.32 10.68
C GLY A 150 -3.02 23.12 9.43
N VAL A 151 -2.30 22.01 9.37
CA VAL A 151 -1.44 21.67 8.24
C VAL A 151 -2.07 20.48 7.52
N ILE A 152 -2.26 20.61 6.20
CA ILE A 152 -2.84 19.56 5.38
C ILE A 152 -1.78 19.16 4.36
N VAL A 153 -1.46 17.86 4.30
CA VAL A 153 -0.45 17.33 3.38
C VAL A 153 -1.16 16.40 2.39
N ASN A 154 -1.21 16.80 1.13
CA ASN A 154 -1.83 15.96 0.11
C ASN A 154 -0.89 14.84 -0.30
N LYS A 155 -1.47 13.75 -0.77
CA LYS A 155 -0.68 12.67 -1.34
C LYS A 155 0.21 13.22 -2.44
N GLY A 156 1.48 12.82 -2.42
CA GLY A 156 2.45 13.29 -3.39
C GLY A 156 3.18 14.55 -2.98
N ALA A 157 2.77 15.19 -1.89
CA ALA A 157 3.42 16.36 -1.32
C ALA A 157 4.15 15.98 -0.03
N THR A 158 5.10 16.83 0.38
CA THR A 158 5.97 16.54 1.52
C THR A 158 6.06 17.72 2.47
N LEU A 159 5.97 17.43 3.77
CA LEU A 159 6.33 18.36 4.82
C LEU A 159 7.64 17.86 5.44
N ASN A 160 8.68 18.66 5.31
CA ASN A 160 10.01 18.30 5.79
C ASN A 160 10.34 19.19 6.98
N PHE A 161 10.43 18.60 8.17
CA PHE A 161 10.72 19.39 9.36
C PHE A 161 12.19 19.82 9.45
N SER A 162 13.06 19.29 8.60
CA SER A 162 14.48 19.64 8.61
C SER A 162 15.10 19.45 9.98
N GLY A 163 14.57 18.50 10.77
CA GLY A 163 15.08 18.25 12.10
C GLY A 163 14.74 19.30 13.14
N MET A 164 13.84 20.24 12.83
CA MET A 164 13.58 21.39 13.69
C MET A 164 12.19 21.31 14.31
N ASN A 165 12.10 21.61 15.61
CA ASN A 165 10.83 21.55 16.30
C ASN A 165 9.83 22.51 15.66
N GLN A 166 8.57 22.11 15.63
CA GLN A 166 7.51 22.90 15.02
C GLN A 166 6.22 22.74 15.80
N THR A 167 5.40 23.78 15.78
CA THR A 167 4.02 23.70 16.22
C THR A 167 3.15 23.60 14.96
N VAL A 168 2.36 22.55 14.86
CA VAL A 168 1.46 22.37 13.73
C VAL A 168 0.00 22.45 14.15
N ASN A 169 -0.31 22.26 15.43
CA ASN A 169 -1.66 22.33 16.00
C ASN A 169 -2.53 21.17 15.55
N THR A 170 -2.75 21.05 14.24
CA THR A 170 -3.43 19.90 13.65
C THR A 170 -2.72 19.56 12.36
N LEU A 171 -2.35 18.29 12.19
CA LEU A 171 -1.62 17.82 11.02
C LEU A 171 -2.41 16.68 10.38
N LEU A 172 -3.00 16.96 9.22
CA LEU A 172 -3.76 15.96 8.45
C LEU A 172 -2.90 15.46 7.30
N ASN A 173 -2.27 14.31 7.48
CA ASN A 173 -1.22 13.83 6.59
C ASN A 173 -1.74 12.73 5.67
N SER A 174 -1.92 13.08 4.39
CA SER A 174 -2.15 12.11 3.32
C SER A 174 -0.94 11.94 2.42
N GLY A 175 0.17 12.63 2.72
CA GLY A 175 1.38 12.55 1.92
C GLY A 175 2.56 12.12 2.76
N THR A 176 3.69 12.81 2.67
CA THR A 176 4.88 12.41 3.40
C THR A 176 5.27 13.47 4.41
N VAL A 177 5.47 13.02 5.65
CA VAL A 177 6.05 13.83 6.72
C VAL A 177 7.44 13.27 6.96
N LEU A 178 8.46 14.09 6.73
CA LEU A 178 9.84 13.68 6.82
C LEU A 178 10.47 14.32 8.04
N ILE A 179 11.17 13.51 8.84
CA ILE A 179 11.81 14.06 10.04
C ILE A 179 12.89 15.06 9.67
N ASN A 180 13.54 14.88 8.53
CA ASN A 180 14.67 15.69 8.08
C ASN A 180 14.98 15.27 6.65
N ASN A 181 15.83 16.05 5.97
CA ASN A 181 16.16 15.79 4.58
C ASN A 181 16.68 14.37 4.38
N ILE A 182 16.28 13.75 3.26
CA ILE A 182 16.83 12.46 2.87
C ILE A 182 18.35 12.58 2.87
N ASN A 183 19.01 11.60 3.49
CA ASN A 183 20.46 11.49 3.54
C ASN A 183 21.15 12.61 4.31
N ALA A 184 20.40 13.40 5.08
CA ALA A 184 21.03 14.36 5.96
C ALA A 184 21.74 13.64 7.11
N PRO A 185 22.69 14.30 7.77
CA PRO A 185 23.38 13.67 8.90
C PRO A 185 22.43 13.34 10.04
N PHE A 186 22.85 12.36 10.85
CA PHE A 186 22.07 11.89 11.99
C PHE A 186 21.66 13.04 12.92
N LEU A 187 20.45 12.92 13.48
CA LEU A 187 19.92 13.93 14.41
C LEU A 187 20.00 13.41 15.83
N PRO A 188 20.79 14.02 16.72
CA PRO A 188 20.87 13.49 18.09
C PRO A 188 19.69 13.93 18.96
N ASP A 189 19.07 15.05 18.61
CA ASP A 189 18.01 15.60 19.44
C ASP A 189 16.65 15.17 18.92
N PRO A 190 15.70 14.85 19.78
CA PRO A 190 14.35 14.53 19.30
C PRO A 190 13.73 15.73 18.61
N VAL A 191 12.95 15.45 17.57
CA VAL A 191 12.17 16.47 16.88
C VAL A 191 10.77 16.49 17.50
N ILE A 192 10.38 17.65 18.04
CA ILE A 192 9.14 17.79 18.79
C ILE A 192 8.14 18.52 17.92
N VAL A 193 7.05 17.83 17.57
CA VAL A 193 5.98 18.38 16.75
C VAL A 193 4.77 18.56 17.67
N THR A 194 4.40 19.82 17.93
CA THR A 194 3.31 20.12 18.84
C THR A 194 2.02 20.26 18.06
N GLY A 195 1.03 19.41 18.41
CA GLY A 195 -0.21 19.33 17.68
C GLY A 195 -0.68 17.90 17.55
N ASN A 196 -1.85 17.70 16.95
CA ASN A 196 -2.48 16.41 16.81
C ASN A 196 -2.26 15.86 15.39
N MET A 197 -1.88 14.59 15.30
CA MET A 197 -1.62 13.91 14.04
C MET A 197 -2.84 13.09 13.63
N THR A 198 -3.23 13.20 12.36
CA THR A 198 -4.12 12.26 11.71
C THR A 198 -3.39 11.72 10.49
N LEU A 199 -3.14 10.41 10.48
CA LEU A 199 -2.35 9.74 9.46
C LEU A 199 -3.27 8.95 8.53
N GLU A 200 -3.55 9.50 7.35
CA GLU A 200 -4.49 8.91 6.42
C GLU A 200 -3.85 7.77 5.63
N LYS A 201 -4.71 6.93 5.04
CA LYS A 201 -4.21 5.81 4.25
C LYS A 201 -3.32 6.33 3.12
N ASN A 202 -2.23 5.61 2.87
CA ASN A 202 -1.20 5.96 1.89
C ASN A 202 -0.38 7.18 2.30
N GLY A 203 -0.60 7.69 3.51
CA GLY A 203 0.27 8.69 4.08
C GLY A 203 1.42 8.06 4.84
N HIS A 204 2.47 8.84 5.03
CA HIS A 204 3.72 8.33 5.57
C HIS A 204 4.33 9.32 6.54
N VAL A 205 4.82 8.79 7.65
CA VAL A 205 5.69 9.51 8.57
C VAL A 205 7.01 8.76 8.59
N ILE A 206 8.07 9.43 8.15
CA ILE A 206 9.37 8.80 7.91
C ILE A 206 10.34 9.28 8.98
N LEU A 207 10.83 8.35 9.80
CA LEU A 207 11.92 8.65 10.73
C LEU A 207 13.27 8.18 10.22
N ASN A 208 13.31 7.22 9.29
CA ASN A 208 14.57 6.70 8.76
C ASN A 208 14.85 7.37 7.41
N ASN A 209 15.37 8.61 7.51
CA ASN A 209 15.66 9.42 6.33
C ASN A 209 17.00 9.06 5.69
N SER A 210 17.73 8.09 6.24
CA SER A 210 18.87 7.46 5.59
C SER A 210 19.18 6.17 6.33
N SER A 211 20.01 5.33 5.71
CA SER A 211 20.31 4.03 6.28
C SER A 211 21.32 4.11 7.43
N SER A 212 22.00 5.24 7.62
CA SER A 212 23.00 5.38 8.67
C SER A 212 22.50 6.17 9.87
N ASN A 213 21.19 6.44 9.95
CA ASN A 213 20.65 7.36 10.95
C ASN A 213 19.77 6.67 12.00
N VAL A 214 19.98 5.37 12.22
CA VAL A 214 19.16 4.66 13.21
C VAL A 214 19.37 5.28 14.58
N GLY A 215 18.27 5.62 15.24
CA GLY A 215 18.32 6.11 16.60
C GLY A 215 17.77 7.50 16.77
N GLN A 216 16.93 7.93 15.82
CA GLN A 216 16.30 9.24 15.88
C GLN A 216 14.94 9.12 16.56
N THR A 217 14.44 10.25 17.04
CA THR A 217 13.22 10.29 17.84
C THR A 217 12.30 11.37 17.30
N TYR A 218 11.07 10.99 16.99
CA TYR A 218 10.01 11.91 16.62
C TYR A 218 9.01 11.93 17.76
N VAL A 219 8.71 13.13 18.26
CA VAL A 219 7.74 13.32 19.35
C VAL A 219 6.53 14.04 18.77
N GLN A 220 5.39 13.38 18.79
CA GLN A 220 4.11 14.05 18.52
C GLN A 220 3.59 14.52 19.87
N LYS A 221 3.76 15.82 20.15
CA LYS A 221 3.28 16.41 21.40
C LYS A 221 1.80 16.74 21.21
N GLY A 222 0.99 15.70 21.34
CA GLY A 222 -0.43 15.73 21.06
C GLY A 222 -0.93 14.31 20.84
N ASN A 223 -2.13 14.20 20.28
CA ASN A 223 -2.72 12.89 20.04
C ASN A 223 -2.30 12.37 18.67
N TRP A 224 -2.60 11.11 18.41
CA TRP A 224 -2.20 10.43 17.19
C TRP A 224 -3.36 9.52 16.78
N HIS A 225 -4.00 9.83 15.66
CA HIS A 225 -5.14 9.09 15.15
C HIS A 225 -4.78 8.51 13.80
N GLY A 226 -4.75 7.18 13.71
CA GLY A 226 -4.36 6.50 12.50
C GLY A 226 -5.60 6.12 11.68
N LYS A 227 -5.48 6.33 10.37
CA LYS A 227 -6.53 5.92 9.45
C LYS A 227 -5.92 5.09 8.31
N GLY A 228 -4.92 4.27 8.63
CA GLY A 228 -4.35 3.33 7.69
C GLY A 228 -3.02 3.71 7.09
N GLY A 229 -2.44 4.86 7.48
CA GLY A 229 -1.17 5.27 6.94
C GLY A 229 -0.01 4.56 7.62
N ILE A 230 1.21 4.94 7.22
CA ILE A 230 2.39 4.14 7.51
C ILE A 230 3.42 4.95 8.29
N LEU A 231 3.91 4.35 9.38
CA LEU A 231 5.05 4.87 10.13
C LEU A 231 6.28 4.05 9.75
N SER A 232 7.33 4.72 9.27
CA SER A 232 8.54 4.04 8.84
CA SER A 232 8.54 4.04 8.84
C SER A 232 9.65 4.27 9.85
N LEU A 233 10.25 3.18 10.34
CA LEU A 233 11.31 3.21 11.32
C LEU A 233 12.48 2.36 10.86
N GLY A 234 13.68 2.75 11.29
CA GLY A 234 14.88 1.97 11.08
C GLY A 234 15.36 1.40 12.41
N ALA A 235 16.00 0.22 12.34
CA ALA A 235 16.47 -0.44 13.54
C ALA A 235 17.63 -1.37 13.21
N VAL A 236 18.50 -1.56 14.19
CA VAL A 236 19.57 -2.56 14.10
C VAL A 236 19.09 -3.72 14.96
N LEU A 237 18.41 -4.67 14.32
CA LEU A 237 17.61 -5.64 15.05
C LEU A 237 18.48 -6.70 15.71
N GLY A 238 18.39 -6.75 17.04
CA GLY A 238 19.09 -7.71 17.86
C GLY A 238 18.27 -8.04 19.09
N ASN A 239 18.85 -7.85 20.28
CA ASN A 239 18.18 -8.14 21.55
C ASN A 239 17.46 -6.88 22.04
N ASP A 240 17.07 -6.85 23.32
CA ASP A 240 16.34 -5.70 23.84
C ASP A 240 17.13 -4.40 23.73
N ASN A 241 18.46 -4.46 23.60
CA ASN A 241 19.31 -3.28 23.51
C ASN A 241 19.42 -2.75 22.09
N SER A 242 18.66 -3.30 21.16
CA SER A 242 18.75 -2.91 19.76
C SER A 242 18.62 -1.41 19.59
N LYS A 243 19.52 -0.84 18.80
CA LYS A 243 19.34 0.55 18.39
C LYS A 243 18.15 0.68 17.45
N THR A 244 17.31 1.69 17.68
CA THR A 244 16.10 1.85 16.91
C THR A 244 15.67 3.31 16.91
N ASP A 245 15.01 3.70 15.82
CA ASP A 245 14.21 4.91 15.83
C ASP A 245 13.01 4.71 16.77
N ARG A 246 12.49 5.82 17.27
CA ARG A 246 11.41 5.78 18.24
C ARG A 246 10.40 6.89 17.98
N LEU A 247 9.12 6.52 18.07
CA LEU A 247 8.01 7.46 18.08
C LEU A 247 7.54 7.64 19.50
N GLU A 248 7.37 8.90 19.91
CA GLU A 248 6.86 9.23 21.24
C GLU A 248 5.61 10.07 21.04
N ILE A 249 4.48 9.61 21.58
CA ILE A 249 3.20 10.31 21.51
C ILE A 249 2.83 10.74 22.92
N ALA A 250 2.68 12.05 23.12
CA ALA A 250 2.38 12.57 24.44
C ALA A 250 0.94 12.32 24.86
N GLY A 251 0.04 12.10 23.91
CA GLY A 251 -1.36 11.88 24.21
C GLY A 251 -1.85 10.50 23.86
N HIS A 252 -3.04 10.43 23.26
CA HIS A 252 -3.73 9.16 23.03
C HIS A 252 -3.52 8.71 21.59
N ALA A 253 -3.16 7.44 21.43
CA ALA A 253 -3.02 6.79 20.13
C ALA A 253 -4.26 5.96 19.84
N SER A 254 -4.98 6.31 18.76
CA SER A 254 -6.24 5.67 18.38
C SER A 254 -6.19 5.28 16.91
N GLY A 255 -7.24 4.62 16.43
CA GLY A 255 -7.29 4.18 15.04
C GLY A 255 -6.21 3.14 14.74
N ILE A 256 -5.74 3.15 13.49
CA ILE A 256 -4.79 2.15 13.01
C ILE A 256 -3.67 2.85 12.25
N THR A 257 -2.43 2.55 12.63
CA THR A 257 -1.22 2.99 11.94
C THR A 257 -0.40 1.75 11.63
N TYR A 258 -0.01 1.58 10.37
CA TYR A 258 0.88 0.48 10.02
C TYR A 258 2.34 0.89 10.22
N VAL A 259 3.14 -0.05 10.70
CA VAL A 259 4.52 0.21 11.11
C VAL A 259 5.44 -0.63 10.22
N ALA A 260 6.27 0.07 9.44
CA ALA A 260 7.25 -0.55 8.55
C ALA A 260 8.63 -0.37 9.17
N VAL A 261 9.28 -1.48 9.49
CA VAL A 261 10.60 -1.46 10.13
C VAL A 261 11.64 -1.94 9.12
N THR A 262 12.71 -1.17 9.00
CA THR A 262 13.84 -1.54 8.14
C THR A 262 15.01 -1.93 9.03
N ASN A 263 15.51 -3.16 8.85
CA ASN A 263 16.70 -3.60 9.55
C ASN A 263 17.94 -3.04 8.86
N GLU A 264 18.81 -2.39 9.62
CA GLU A 264 20.07 -1.84 9.11
C GLU A 264 21.24 -2.57 9.79
N GLY A 265 21.55 -3.77 9.31
CA GLY A 265 22.72 -4.48 9.77
C GLY A 265 22.55 -5.33 11.02
N GLY A 266 21.36 -5.38 11.62
CA GLY A 266 21.14 -6.25 12.76
C GLY A 266 21.25 -7.71 12.34
N SER A 267 21.84 -8.53 13.21
CA SER A 267 22.04 -9.95 12.94
C SER A 267 21.03 -10.84 13.64
N GLY A 268 20.08 -10.26 14.36
CA GLY A 268 19.04 -11.04 15.01
C GLY A 268 19.46 -11.61 16.36
N ASP A 269 18.54 -11.57 17.33
CA ASP A 269 18.82 -12.08 18.66
C ASP A 269 17.50 -12.26 19.39
N LYS A 270 17.55 -12.91 20.53
CA LYS A 270 16.35 -13.08 21.34
C LYS A 270 16.08 -11.84 22.18
N THR A 271 14.82 -11.41 22.20
CA THR A 271 14.37 -10.30 23.03
C THR A 271 13.79 -10.85 24.33
N LEU A 272 14.33 -10.41 25.47
CA LEU A 272 13.80 -10.88 26.74
C LEU A 272 12.43 -10.27 27.02
N GLU A 273 12.33 -8.95 26.90
CA GLU A 273 11.08 -8.24 27.10
C GLU A 273 10.57 -7.54 25.85
N GLY A 274 11.43 -7.23 24.89
CA GLY A 274 11.04 -6.54 23.67
C GLY A 274 11.81 -5.26 23.41
N VAL A 275 11.90 -4.87 22.14
CA VAL A 275 12.56 -3.62 21.74
C VAL A 275 11.51 -2.53 21.68
N GLN A 276 11.61 -1.55 22.58
CA GLN A 276 10.64 -0.46 22.60
C GLN A 276 10.82 0.43 21.37
N ILE A 277 9.74 0.60 20.61
CA ILE A 277 9.76 1.46 19.44
C ILE A 277 8.76 2.61 19.52
N ILE A 278 7.68 2.49 20.28
CA ILE A 278 6.68 3.55 20.37
C ILE A 278 6.24 3.71 21.82
N SER A 279 6.10 4.95 22.27
CA SER A 279 5.53 5.23 23.58
C SER A 279 4.33 6.16 23.42
N THR A 280 3.35 5.98 24.28
CA THR A 280 2.12 6.77 24.26
C THR A 280 1.70 7.03 25.69
N ASP A 281 0.92 8.08 25.91
CA ASP A 281 0.26 8.18 27.22
C ASP A 281 -0.74 7.04 27.37
N SER A 282 -1.51 6.76 26.31
CA SER A 282 -2.41 5.63 26.29
C SER A 282 -2.61 5.23 24.83
N SER A 283 -2.84 3.93 24.61
CA SER A 283 -3.07 3.37 23.28
C SER A 283 -4.29 2.46 23.27
N ASP A 284 -5.10 2.57 22.22
CA ASP A 284 -6.18 1.62 22.00
C ASP A 284 -5.61 0.31 21.47
N LYS A 285 -6.42 -0.74 21.56
CA LYS A 285 -6.07 -2.02 20.99
C LYS A 285 -5.78 -1.88 19.49
N ASN A 286 -4.75 -2.59 19.03
CA ASN A 286 -4.25 -2.54 17.67
C ASN A 286 -4.14 -1.11 17.11
N ALA A 287 -3.71 -0.14 17.94
CA ALA A 287 -3.46 1.19 17.42
C ALA A 287 -2.31 1.19 16.42
N PHE A 288 -1.39 0.24 16.59
CA PHE A 288 -0.31 0.00 15.65
C PHE A 288 -0.33 -1.45 15.22
N ILE A 289 -0.11 -1.68 13.92
CA ILE A 289 -0.12 -3.00 13.32
C ILE A 289 1.10 -3.11 12.42
N GLN A 290 1.79 -4.24 12.49
CA GLN A 290 2.95 -4.49 11.64
C GLN A 290 2.58 -4.45 10.16
N LYS A 291 3.41 -3.79 9.35
CA LYS A 291 3.31 -3.91 7.88
C LYS A 291 4.34 -4.93 7.42
N GLY A 292 3.88 -6.08 6.96
CA GLY A 292 4.79 -7.08 6.44
C GLY A 292 5.69 -7.71 7.49
N ARG A 293 6.59 -8.55 7.00
CA ARG A 293 7.46 -9.38 7.84
C ARG A 293 8.74 -8.65 8.23
N ILE A 294 9.19 -8.87 9.46
CA ILE A 294 10.43 -8.29 9.99
C ILE A 294 11.36 -9.43 10.36
N VAL A 295 12.48 -9.56 9.64
CA VAL A 295 13.42 -10.64 9.86
C VAL A 295 14.83 -10.07 9.94
N ALA A 296 15.61 -10.60 10.89
CA ALA A 296 17.04 -10.34 10.99
C ALA A 296 17.73 -11.66 11.28
N GLY A 297 18.54 -12.12 10.35
CA GLY A 297 19.22 -13.39 10.55
C GLY A 297 18.21 -14.51 10.66
N SER A 298 18.29 -15.26 11.75
CA SER A 298 17.42 -16.40 11.99
C SER A 298 16.22 -16.06 12.86
N TYR A 299 15.90 -14.78 13.01
CA TYR A 299 14.86 -14.34 13.94
C TYR A 299 13.79 -13.55 13.22
N ASP A 300 12.53 -13.89 13.50
CA ASP A 300 11.37 -13.12 13.07
C ASP A 300 10.91 -12.25 14.22
N TYR A 301 10.58 -10.99 13.92
CA TYR A 301 10.16 -10.00 14.88
C TYR A 301 8.69 -9.68 14.68
N ARG A 302 7.96 -9.48 15.77
CA ARG A 302 6.55 -9.15 15.69
C ARG A 302 6.24 -7.97 16.61
N LEU A 303 5.37 -7.11 16.14
CA LEU A 303 4.95 -5.96 16.94
C LEU A 303 4.00 -6.40 18.04
N LYS A 304 4.23 -5.89 19.26
CA LYS A 304 3.38 -6.25 20.40
C LYS A 304 3.04 -5.00 21.21
N GLN A 305 1.81 -4.97 21.74
CA GLN A 305 1.43 -3.97 22.72
C GLN A 305 1.85 -4.44 24.10
N GLY A 306 2.75 -3.71 24.75
CA GLY A 306 3.32 -4.13 26.00
C GLY A 306 4.45 -5.13 25.80
N THR A 307 5.20 -5.37 26.88
CA THR A 307 6.36 -6.25 26.85
C THR A 307 5.93 -7.72 26.82
N VAL A 308 6.93 -8.61 26.66
CA VAL A 308 6.66 -10.04 26.67
C VAL A 308 5.86 -10.45 27.91
N SER A 309 6.19 -9.89 29.07
CA SER A 309 5.52 -10.25 30.32
C SER A 309 4.33 -9.36 30.63
N GLY A 310 3.92 -8.51 29.69
CA GLY A 310 2.70 -7.75 29.84
C GLY A 310 2.84 -6.38 30.47
N LEU A 311 4.04 -5.83 30.58
CA LEU A 311 4.23 -4.54 31.21
C LEU A 311 4.11 -3.41 30.18
N ASN A 312 3.83 -2.21 30.67
CA ASN A 312 3.81 -1.00 29.84
C ASN A 312 2.96 -1.16 28.58
N THR A 313 1.67 -1.44 28.79
CA THR A 313 0.78 -1.60 27.64
C THR A 313 0.46 -0.28 26.94
N ASN A 314 1.00 0.84 27.41
CA ASN A 314 0.97 2.09 26.68
C ASN A 314 2.16 2.24 25.73
N LYS A 315 3.02 1.24 25.66
CA LYS A 315 4.20 1.25 24.79
C LYS A 315 4.16 0.02 23.88
N TRP A 316 4.85 0.13 22.75
CA TRP A 316 4.82 -0.90 21.71
C TRP A 316 6.22 -1.40 21.44
N TYR A 317 6.33 -2.70 21.25
CA TYR A 317 7.61 -3.40 21.26
C TYR A 317 7.71 -4.35 20.08
N LEU A 318 8.95 -4.62 19.67
CA LEU A 318 9.26 -5.74 18.78
C LEU A 318 9.82 -6.89 19.60
N THR A 319 9.22 -8.07 19.45
CA THR A 319 9.70 -9.29 20.09
C THR A 319 10.08 -10.30 19.03
N SER A 320 11.13 -11.07 19.31
CA SER A 320 11.68 -12.00 18.35
C SER A 320 11.44 -13.45 18.77
N GLN A 321 11.49 -14.32 17.77
CA GLN A 321 11.52 -15.76 18.01
C GLN A 321 12.20 -16.41 16.81
N MET A 322 12.87 -17.52 17.07
CA MET A 322 13.60 -18.23 16.03
C MET A 322 12.63 -19.09 15.22
N ASP A 323 12.99 -19.34 13.96
CA ASP A 323 12.16 -20.13 13.06
C ASP A 323 13.02 -20.79 11.99
N ASN B 5 -7.33 -61.21 -6.62
CA ASN B 5 -7.97 -60.78 -5.38
C ASN B 5 -9.24 -59.98 -5.69
N VAL B 6 -9.58 -58.98 -4.86
CA VAL B 6 -10.85 -58.27 -4.97
C VAL B 6 -10.59 -56.76 -4.89
N LYS B 7 -11.08 -56.03 -5.88
CA LYS B 7 -10.98 -54.58 -5.92
C LYS B 7 -12.17 -53.95 -5.21
N VAL B 8 -11.90 -52.90 -4.46
CA VAL B 8 -12.94 -52.14 -3.76
C VAL B 8 -12.68 -50.66 -4.01
N GLU B 9 -13.73 -49.94 -4.41
CA GLU B 9 -13.65 -48.49 -4.60
C GLU B 9 -14.04 -47.79 -3.32
N ALA B 10 -13.23 -46.82 -2.90
CA ALA B 10 -13.46 -46.05 -1.69
C ALA B 10 -13.62 -44.60 -2.10
N ILE B 11 -14.82 -44.06 -1.91
CA ILE B 11 -15.16 -42.71 -2.34
C ILE B 11 -15.27 -41.83 -1.09
N ILE B 12 -14.41 -40.81 -0.99
CA ILE B 12 -14.47 -39.85 0.11
C ILE B 12 -14.32 -38.47 -0.53
N ASN B 13 -15.45 -37.75 -0.67
CA ASN B 13 -15.45 -36.45 -1.33
C ASN B 13 -15.07 -35.33 -0.37
N ASN B 14 -15.36 -35.50 0.92
CA ASN B 14 -15.01 -34.53 1.97
C ASN B 14 -14.23 -35.28 3.04
N TRP B 15 -12.91 -35.17 2.98
CA TRP B 15 -12.04 -35.87 3.93
C TRP B 15 -11.99 -35.07 5.23
N ALA B 16 -12.76 -35.51 6.24
CA ALA B 16 -12.97 -34.72 7.43
C ALA B 16 -12.43 -35.36 8.71
N GLN B 17 -11.75 -36.51 8.60
CA GLN B 17 -11.06 -37.14 9.72
C GLN B 17 -9.63 -37.43 9.30
N LYS B 18 -8.78 -37.74 10.28
CA LYS B 18 -7.44 -38.21 9.95
C LYS B 18 -7.50 -39.44 9.07
N ASP B 19 -8.23 -40.45 9.51
CA ASP B 19 -8.35 -41.69 8.75
C ASP B 19 -9.75 -42.26 8.90
N TYR B 20 -10.07 -43.18 7.99
CA TYR B 20 -11.39 -43.80 7.91
C TYR B 20 -11.28 -45.31 8.01
N LYS B 21 -12.09 -45.91 8.87
CA LYS B 21 -12.20 -47.36 8.95
C LYS B 21 -13.10 -47.83 7.82
N LEU B 22 -12.54 -48.62 6.91
CA LEU B 22 -13.23 -49.03 5.68
C LEU B 22 -13.92 -50.38 5.80
N LEU B 23 -13.23 -51.38 6.33
CA LEU B 23 -13.67 -52.76 6.24
C LEU B 23 -12.96 -53.56 7.32
N SER B 24 -13.67 -54.50 7.94
CA SER B 24 -13.04 -55.37 8.92
C SER B 24 -13.77 -56.70 8.97
N ALA B 25 -13.08 -57.72 9.47
CA ALA B 25 -13.66 -59.05 9.57
C ALA B 25 -12.92 -59.85 10.63
N ASP B 26 -13.60 -60.84 11.19
CA ASP B 26 -12.95 -61.81 12.08
C ASP B 26 -12.32 -62.87 11.19
N LYS B 27 -10.99 -62.83 11.07
CA LYS B 27 -10.30 -63.68 10.09
C LYS B 27 -10.45 -65.16 10.44
N GLY B 28 -10.31 -65.51 11.71
CA GLY B 28 -10.34 -66.91 12.09
C GLY B 28 -11.68 -67.56 11.83
N ILE B 29 -12.77 -66.86 12.14
CA ILE B 29 -14.09 -67.45 11.95
C ILE B 29 -14.46 -67.47 10.48
N THR B 30 -14.23 -66.35 9.78
CA THR B 30 -14.72 -66.20 8.41
C THR B 30 -13.69 -66.52 7.34
N GLY B 31 -12.40 -66.48 7.66
CA GLY B 31 -11.37 -66.62 6.65
C GLY B 31 -11.22 -65.42 5.73
N PHE B 32 -12.00 -64.36 5.94
CA PHE B 32 -12.00 -63.19 5.07
C PHE B 32 -10.85 -62.27 5.48
N SER B 33 -9.83 -62.16 4.65
CA SER B 33 -8.67 -61.31 4.94
C SER B 33 -8.79 -59.99 4.19
N VAL B 34 -8.60 -58.88 4.90
CA VAL B 34 -8.55 -57.58 4.23
C VAL B 34 -7.20 -57.31 3.59
N SER B 35 -6.20 -58.16 3.84
CA SER B 35 -4.95 -58.08 3.10
C SER B 35 -5.20 -58.25 1.61
N ASN B 36 -6.16 -59.10 1.25
CA ASN B 36 -6.41 -59.43 -0.14
C ASN B 36 -7.37 -58.44 -0.81
N ILE B 37 -7.40 -57.21 -0.33
CA ILE B 37 -8.20 -56.16 -0.95
C ILE B 37 -7.28 -55.05 -1.40
N SER B 38 -7.51 -54.56 -2.60
CA SER B 38 -6.83 -53.38 -3.11
C SER B 38 -7.87 -52.30 -3.29
N ILE B 39 -7.64 -51.16 -2.64
CA ILE B 39 -8.58 -50.06 -2.66
C ILE B 39 -8.32 -49.20 -3.88
N ILE B 40 -9.36 -48.90 -4.64
CA ILE B 40 -9.30 -48.00 -5.79
C ILE B 40 -9.91 -46.67 -5.40
N ASN B 41 -9.22 -45.57 -5.71
CA ASN B 41 -9.75 -44.25 -5.44
C ASN B 41 -10.28 -43.67 -6.74
N PRO B 42 -11.59 -43.63 -6.96
CA PRO B 42 -12.09 -43.13 -8.25
C PRO B 42 -11.89 -41.64 -8.48
N LEU B 43 -11.52 -40.85 -7.46
CA LEU B 43 -11.23 -39.44 -7.66
C LEU B 43 -9.85 -39.18 -8.22
N LEU B 44 -8.99 -40.19 -8.26
CA LEU B 44 -7.62 -40.03 -8.68
C LEU B 44 -7.50 -40.05 -10.21
N THR B 45 -6.68 -39.13 -10.73
CA THR B 45 -6.31 -39.20 -12.14
C THR B 45 -5.73 -40.57 -12.45
N THR B 46 -6.13 -41.12 -13.59
CA THR B 46 -5.73 -42.48 -13.95
C THR B 46 -4.21 -42.58 -14.03
N GLY B 47 -3.64 -43.47 -13.22
CA GLY B 47 -2.20 -43.71 -13.26
C GLY B 47 -1.38 -42.74 -12.45
N ALA B 48 -2.00 -41.89 -11.64
CA ALA B 48 -1.28 -40.90 -10.84
C ALA B 48 -0.89 -41.48 -9.49
N ILE B 49 0.06 -40.80 -8.83
CA ILE B 49 0.37 -41.14 -7.45
C ILE B 49 -0.84 -40.86 -6.58
N ASP B 50 -1.17 -41.80 -5.69
CA ASP B 50 -2.38 -41.69 -4.88
C ASP B 50 -2.13 -40.84 -3.64
N TYR B 51 -3.06 -39.94 -3.34
CA TYR B 51 -2.98 -39.14 -2.13
C TYR B 51 -3.56 -39.87 -0.92
N THR B 52 -4.08 -41.08 -1.10
CA THR B 52 -4.55 -41.92 -0.02
C THR B 52 -3.59 -43.09 0.17
N LYS B 53 -3.73 -43.76 1.31
CA LYS B 53 -3.00 -44.98 1.58
C LYS B 53 -3.84 -45.84 2.51
N SER B 54 -3.89 -47.14 2.21
CA SER B 54 -4.63 -48.10 3.03
C SER B 54 -3.68 -48.84 3.97
N TYR B 55 -4.14 -49.04 5.20
CA TYR B 55 -3.35 -49.70 6.23
C TYR B 55 -4.12 -50.89 6.78
N ILE B 56 -3.41 -51.96 7.10
CA ILE B 56 -4.01 -53.17 7.64
C ILE B 56 -3.72 -53.23 9.13
N SER B 57 -4.75 -53.00 9.94
CA SER B 57 -4.55 -53.09 11.39
C SER B 57 -4.40 -54.55 11.80
N ASP B 58 -3.85 -54.76 12.99
CA ASP B 58 -3.67 -56.11 13.49
C ASP B 58 -4.99 -56.84 13.68
N GLN B 59 -6.06 -56.12 14.01
CA GLN B 59 -7.39 -56.70 14.16
C GLN B 59 -8.01 -57.10 12.81
N ASN B 60 -7.23 -57.16 11.74
CA ASN B 60 -7.74 -57.43 10.39
C ASN B 60 -8.75 -56.36 9.96
N LYS B 61 -8.42 -55.11 10.29
CA LYS B 61 -9.22 -53.96 9.86
C LYS B 61 -8.43 -53.16 8.84
N LEU B 62 -9.13 -52.61 7.86
CA LEU B 62 -8.52 -51.83 6.79
C LEU B 62 -8.81 -50.36 7.05
N ILE B 63 -7.74 -49.55 7.13
CA ILE B 63 -7.81 -48.14 7.49
C ILE B 63 -7.31 -47.31 6.32
N TYR B 64 -8.02 -46.21 6.04
CA TYR B 64 -7.72 -45.30 4.93
C TYR B 64 -7.22 -43.98 5.50
N GLY B 65 -6.03 -43.56 5.08
CA GLY B 65 -5.46 -42.30 5.54
C GLY B 65 -4.85 -41.53 4.37
N LEU B 66 -4.46 -40.29 4.66
CA LEU B 66 -3.82 -39.47 3.64
C LEU B 66 -2.33 -39.76 3.58
N SER B 67 -1.82 -39.82 2.35
CA SER B 67 -0.37 -39.95 2.17
C SER B 67 0.35 -38.77 2.82
N TRP B 68 -0.25 -37.59 2.79
CA TRP B 68 0.33 -36.43 3.47
C TRP B 68 0.80 -36.80 4.87
N ASN B 69 0.00 -37.58 5.59
CA ASN B 69 0.23 -37.87 7.00
C ASN B 69 0.97 -39.16 7.24
N ASP B 70 1.39 -39.87 6.18
CA ASP B 70 2.10 -41.12 6.37
C ASP B 70 3.45 -40.88 7.04
N THR B 71 3.77 -41.72 8.01
CA THR B 71 5.05 -41.64 8.72
C THR B 71 5.92 -42.87 8.50
N ASP B 72 5.58 -43.71 7.53
CA ASP B 72 6.30 -44.95 7.26
C ASP B 72 7.10 -44.89 5.97
N GLY B 73 7.39 -43.70 5.46
CA GLY B 73 8.22 -43.52 4.29
C GLY B 73 7.48 -43.29 2.98
N ASP B 74 6.15 -43.33 2.99
CA ASP B 74 5.36 -43.22 1.77
C ASP B 74 4.62 -41.88 1.65
N SER B 75 5.07 -40.85 2.35
CA SER B 75 4.34 -39.60 2.36
C SER B 75 4.68 -38.74 1.14
N HIS B 76 3.72 -37.91 0.74
CA HIS B 76 3.93 -36.94 -0.33
C HIS B 76 2.78 -35.95 -0.25
N GLY B 77 2.96 -34.81 -0.94
CA GLY B 77 2.02 -33.72 -0.81
C GLY B 77 1.21 -33.41 -2.07
N GLU B 78 1.04 -34.39 -2.94
CA GLU B 78 0.39 -34.18 -4.22
C GLU B 78 -1.04 -34.72 -4.21
N PHE B 79 -1.96 -33.92 -4.72
CA PHE B 79 -3.36 -34.31 -4.94
C PHE B 79 -3.63 -34.21 -6.45
N ASN B 80 -3.61 -35.36 -7.13
CA ASN B 80 -3.80 -35.40 -8.59
C ASN B 80 -5.21 -35.89 -8.89
N LEU B 81 -6.12 -34.95 -9.09
CA LEU B 81 -7.56 -35.22 -9.13
C LEU B 81 -8.07 -35.25 -10.57
N LYS B 82 -8.92 -36.23 -10.88
CA LYS B 82 -9.36 -36.37 -12.25
C LYS B 82 -10.47 -35.36 -12.58
N GLU B 83 -10.75 -35.25 -13.87
CA GLU B 83 -11.79 -34.36 -14.37
C GLU B 83 -13.11 -34.64 -13.67
N ASN B 84 -13.78 -33.56 -13.24
CA ASN B 84 -15.08 -33.50 -12.58
C ASN B 84 -15.00 -33.90 -11.12
N ALA B 85 -13.85 -34.35 -10.62
CA ALA B 85 -13.73 -34.73 -9.22
C ALA B 85 -13.57 -33.49 -8.37
N GLU B 86 -14.20 -33.49 -7.21
CA GLU B 86 -14.10 -32.37 -6.28
C GLU B 86 -13.83 -32.93 -4.88
N LEU B 87 -12.59 -32.81 -4.46
CA LEU B 87 -12.16 -33.26 -3.14
C LEU B 87 -12.08 -32.06 -2.21
N THR B 88 -12.81 -32.13 -1.11
CA THR B 88 -12.68 -31.17 -0.02
C THR B 88 -11.81 -31.82 1.05
N VAL B 89 -10.78 -31.12 1.49
CA VAL B 89 -9.95 -31.55 2.59
C VAL B 89 -10.37 -30.75 3.81
N SER B 90 -11.07 -31.42 4.72
CA SER B 90 -11.57 -30.86 5.97
C SER B 90 -10.77 -31.33 7.17
N THR B 91 -9.47 -31.55 6.99
CA THR B 91 -8.57 -31.87 8.09
C THR B 91 -7.33 -31.00 7.90
N ILE B 92 -6.68 -30.66 9.02
CA ILE B 92 -5.54 -29.75 8.94
C ILE B 92 -4.34 -30.49 8.36
N LEU B 93 -3.78 -29.92 7.29
CA LEU B 93 -2.52 -30.39 6.73
C LEU B 93 -1.38 -29.61 7.36
N ALA B 94 -0.50 -30.31 8.05
CA ALA B 94 0.63 -29.72 8.75
C ALA B 94 1.93 -30.29 8.22
N ASP B 95 3.04 -29.64 8.56
CA ASP B 95 4.35 -30.14 8.16
C ASP B 95 4.55 -31.55 8.70
N ASN B 96 5.03 -32.45 7.85
CA ASN B 96 5.31 -33.83 8.21
C ASN B 96 6.82 -34.03 8.23
N LEU B 97 7.37 -34.22 9.43
CA LEU B 97 8.82 -34.25 9.64
C LEU B 97 9.39 -35.66 9.65
N SER B 98 8.58 -36.67 9.34
CA SER B 98 9.03 -38.04 9.48
C SER B 98 10.17 -38.34 8.51
N HIS B 99 10.78 -39.52 8.69
CA HIS B 99 11.97 -39.94 7.96
C HIS B 99 11.87 -39.64 6.48
N HIS B 100 13.02 -39.46 5.83
CA HIS B 100 13.06 -39.22 4.39
C HIS B 100 12.18 -40.24 3.66
N ASN B 101 11.16 -39.74 2.97
CA ASN B 101 10.25 -40.59 2.23
C ASN B 101 10.82 -40.89 0.84
N ILE B 102 10.15 -41.81 0.14
CA ILE B 102 10.62 -42.25 -1.18
C ILE B 102 10.14 -41.34 -2.31
N ASN B 103 9.32 -40.33 -2.01
CA ASN B 103 8.79 -39.44 -3.03
C ASN B 103 9.48 -38.08 -3.02
N SER B 104 10.72 -38.01 -2.52
CA SER B 104 11.51 -36.78 -2.49
C SER B 104 10.66 -35.59 -2.09
N TRP B 105 9.75 -35.79 -1.14
CA TRP B 105 8.87 -34.73 -0.67
C TRP B 105 9.50 -34.04 0.53
N ASP B 106 9.42 -32.70 0.54
CA ASP B 106 9.97 -31.93 1.65
C ASP B 106 9.10 -31.99 2.90
N GLY B 107 7.95 -32.64 2.86
CA GLY B 107 7.05 -32.66 4.00
C GLY B 107 6.35 -31.35 4.28
N LYS B 108 6.45 -30.38 3.38
CA LYS B 108 5.96 -29.04 3.66
C LYS B 108 5.08 -28.50 2.52
N SER B 109 5.32 -28.96 1.30
CA SER B 109 4.74 -28.34 0.11
C SER B 109 3.56 -29.14 -0.42
N LEU B 110 2.50 -28.42 -0.81
CA LEU B 110 1.32 -29.02 -1.42
C LEU B 110 1.39 -28.86 -2.93
N THR B 111 1.01 -29.90 -3.65
CA THR B 111 0.99 -29.87 -5.11
C THR B 111 -0.39 -30.28 -5.58
N LYS B 112 -1.05 -29.38 -6.31
CA LYS B 112 -2.34 -29.68 -6.93
C LYS B 112 -2.10 -29.99 -8.40
N SER B 113 -2.60 -31.14 -8.85
CA SER B 113 -2.44 -31.57 -10.23
C SER B 113 -3.74 -32.23 -10.68
N GLY B 114 -3.77 -32.63 -11.95
CA GLY B 114 -4.97 -33.16 -12.55
C GLY B 114 -5.99 -32.06 -12.85
N GLU B 115 -7.00 -32.44 -13.63
CA GLU B 115 -7.98 -31.46 -14.10
C GLU B 115 -9.09 -31.20 -13.07
N GLY B 116 -9.12 -31.93 -11.97
CA GLY B 116 -10.17 -31.78 -10.98
C GLY B 116 -9.93 -30.61 -10.05
N THR B 117 -10.73 -30.57 -8.98
CA THR B 117 -10.77 -29.44 -8.05
C THR B 117 -10.46 -29.91 -6.64
N LEU B 118 -9.57 -29.19 -5.97
CA LEU B 118 -9.24 -29.42 -4.58
C LEU B 118 -9.70 -28.22 -3.77
N ILE B 119 -10.48 -28.47 -2.73
CA ILE B 119 -11.01 -27.42 -1.85
C ILE B 119 -10.32 -27.56 -0.50
N LEU B 120 -9.65 -26.49 -0.07
CA LEU B 120 -9.03 -26.46 1.25
C LEU B 120 -10.01 -25.81 2.23
N ALA B 121 -10.53 -26.62 3.16
CA ALA B 121 -11.59 -26.18 4.06
C ALA B 121 -11.15 -26.08 5.51
N GLU B 122 -9.89 -26.32 5.82
CA GLU B 122 -9.36 -26.14 7.15
C GLU B 122 -8.20 -25.15 7.12
N LYS B 123 -7.81 -24.70 8.31
CA LYS B 123 -6.72 -23.74 8.44
C LYS B 123 -5.42 -24.52 8.51
N ASN B 124 -4.90 -24.82 7.33
CA ASN B 124 -3.69 -25.61 7.20
C ASN B 124 -2.46 -24.82 7.66
N THR B 125 -1.52 -25.53 8.27
CA THR B 125 -0.33 -24.94 8.83
C THR B 125 0.94 -25.32 8.09
N TYR B 126 0.85 -25.99 6.95
CA TYR B 126 2.06 -26.37 6.23
C TYR B 126 2.81 -25.13 5.80
N SER B 127 4.15 -25.21 5.85
CA SER B 127 5.01 -24.05 5.67
C SER B 127 5.72 -24.03 4.33
N GLY B 128 5.46 -25.00 3.46
CA GLY B 128 6.08 -25.07 2.15
C GLY B 128 5.27 -24.35 1.09
N PHE B 129 5.62 -24.62 -0.16
CA PHE B 129 4.97 -23.96 -1.27
C PHE B 129 3.62 -24.60 -1.58
N THR B 130 2.78 -23.82 -2.27
CA THR B 130 1.50 -24.30 -2.81
C THR B 130 1.65 -24.27 -4.34
N ASN B 131 1.88 -25.45 -4.92
CA ASN B 131 2.13 -25.61 -6.36
C ASN B 131 0.84 -26.01 -7.05
N ILE B 132 0.21 -25.07 -7.75
CA ILE B 132 -1.04 -25.34 -8.46
C ILE B 132 -0.66 -25.62 -9.92
N ASN B 133 -0.44 -26.90 -10.23
CA ASN B 133 0.07 -27.32 -11.53
C ASN B 133 -1.00 -27.47 -12.60
N ALA B 134 -2.23 -27.78 -12.21
CA ALA B 134 -3.32 -28.05 -13.14
C ALA B 134 -4.63 -28.05 -12.36
N GLY B 135 -5.73 -27.87 -13.08
CA GLY B 135 -7.02 -27.87 -12.42
C GLY B 135 -7.17 -26.68 -11.49
N ILE B 136 -8.02 -26.86 -10.47
CA ILE B 136 -8.49 -25.76 -9.63
C ILE B 136 -8.13 -26.04 -8.17
N LEU B 137 -7.50 -25.07 -7.53
CA LEU B 137 -7.42 -25.01 -6.08
C LEU B 137 -8.38 -23.94 -5.60
N LYS B 138 -9.35 -24.33 -4.79
CA LYS B 138 -10.45 -23.47 -4.40
C LYS B 138 -10.47 -23.36 -2.89
N MET B 139 -10.65 -22.15 -2.39
CA MET B 139 -10.65 -21.92 -0.95
C MET B 139 -12.01 -22.26 -0.36
N GLY B 140 -12.02 -23.01 0.75
CA GLY B 140 -13.23 -23.32 1.47
C GLY B 140 -13.30 -22.74 2.87
N THR B 141 -12.29 -21.96 3.23
CA THR B 141 -12.24 -21.26 4.51
C THR B 141 -11.30 -20.07 4.36
N VAL B 142 -11.48 -19.08 5.24
CA VAL B 142 -10.54 -17.98 5.30
C VAL B 142 -9.22 -18.49 5.89
N GLU B 143 -8.12 -17.93 5.42
CA GLU B 143 -6.79 -18.21 5.95
C GLU B 143 -6.51 -19.73 5.97
N ALA B 144 -6.72 -20.34 4.80
CA ALA B 144 -6.57 -21.78 4.61
C ALA B 144 -5.12 -22.24 4.57
N MET B 145 -4.16 -21.32 4.50
CA MET B 145 -2.76 -21.69 4.30
C MET B 145 -1.83 -20.53 4.67
N THR B 146 -1.95 -20.00 5.90
CA THR B 146 -1.28 -18.74 6.23
C THR B 146 0.23 -18.88 6.32
N ARG B 147 0.75 -20.09 6.47
CA ARG B 147 2.18 -20.29 6.62
C ARG B 147 2.88 -20.68 5.33
N THR B 148 2.18 -20.66 4.19
CA THR B 148 2.78 -21.14 2.95
C THR B 148 3.96 -20.26 2.55
N ALA B 149 4.99 -20.92 2.00
CA ALA B 149 6.16 -20.22 1.51
C ALA B 149 5.85 -19.41 0.25
N GLY B 150 4.73 -19.65 -0.40
CA GLY B 150 4.41 -18.99 -1.64
C GLY B 150 3.50 -19.86 -2.50
N VAL B 151 2.68 -19.20 -3.31
CA VAL B 151 1.70 -19.86 -4.17
C VAL B 151 2.12 -19.66 -5.61
N ILE B 152 2.12 -20.75 -6.38
CA ILE B 152 2.47 -20.74 -7.80
C ILE B 152 1.28 -21.28 -8.58
N VAL B 153 0.77 -20.49 -9.52
CA VAL B 153 -0.33 -20.87 -10.39
C VAL B 153 0.27 -21.05 -11.78
N ASN B 154 0.27 -22.30 -12.24
CA ASN B 154 0.80 -22.59 -13.56
C ASN B 154 -0.21 -22.22 -14.65
N LYS B 155 0.32 -21.95 -15.83
CA LYS B 155 -0.53 -21.73 -16.99
C LYS B 155 -1.53 -22.87 -17.11
N GLY B 156 -2.79 -22.51 -17.34
CA GLY B 156 -3.86 -23.48 -17.43
C GLY B 156 -4.52 -23.83 -16.11
N ALA B 157 -3.94 -23.44 -14.99
CA ALA B 157 -4.48 -23.77 -13.68
C ALA B 157 -5.17 -22.54 -13.08
N THR B 158 -5.98 -22.80 -12.05
CA THR B 158 -6.80 -21.76 -11.43
C THR B 158 -6.64 -21.77 -9.92
N LEU B 159 -6.54 -20.58 -9.35
CA LEU B 159 -6.68 -20.36 -7.92
C LEU B 159 -7.96 -19.56 -7.70
N ASN B 160 -8.91 -20.15 -6.99
CA ASN B 160 -10.21 -19.54 -6.75
C ASN B 160 -10.35 -19.19 -5.27
N PHE B 161 -10.37 -17.88 -4.96
CA PHE B 161 -10.44 -17.46 -3.56
C PHE B 161 -11.82 -17.65 -2.95
N SER B 162 -12.87 -17.84 -3.76
CA SER B 162 -14.23 -18.06 -3.26
C SER B 162 -14.72 -16.90 -2.41
N GLY B 163 -14.23 -15.70 -2.71
CA GLY B 163 -14.62 -14.52 -1.95
C GLY B 163 -14.08 -14.48 -0.54
N MET B 164 -13.08 -15.30 -0.22
CA MET B 164 -12.59 -15.47 1.14
C MET B 164 -11.16 -14.96 1.27
N ASN B 165 -10.94 -14.08 2.25
CA ASN B 165 -9.62 -13.54 2.53
C ASN B 165 -8.60 -14.68 2.71
N GLN B 166 -7.39 -14.46 2.20
CA GLN B 166 -6.32 -15.45 2.26
C GLN B 166 -4.98 -14.75 2.42
N THR B 167 -4.08 -15.42 3.14
CA THR B 167 -2.66 -15.09 3.11
C THR B 167 -2.00 -16.01 2.09
N VAL B 168 -1.24 -15.41 1.17
CA VAL B 168 -0.50 -16.18 0.18
C VAL B 168 1.01 -15.98 0.29
N ASN B 169 1.48 -14.95 0.97
CA ASN B 169 2.91 -14.63 1.10
C ASN B 169 3.44 -14.03 -0.21
N THR B 170 3.60 -14.87 -1.23
CA THR B 170 3.93 -14.42 -2.57
C THR B 170 3.16 -15.30 -3.55
N LEU B 171 2.54 -14.66 -4.53
CA LEU B 171 1.66 -15.32 -5.49
C LEU B 171 2.23 -15.11 -6.87
N LEU B 172 2.77 -16.17 -7.48
CA LEU B 172 3.34 -16.08 -8.82
C LEU B 172 2.32 -16.64 -9.80
N ASN B 173 1.60 -15.75 -10.47
CA ASN B 173 0.40 -16.15 -11.22
C ASN B 173 0.70 -16.21 -12.71
N SER B 174 0.80 -17.43 -13.25
CA SER B 174 0.83 -17.67 -14.69
C SER B 174 -0.47 -18.25 -15.22
N GLY B 175 -1.44 -18.51 -14.35
CA GLY B 175 -2.73 -19.02 -14.76
C GLY B 175 -3.84 -18.04 -14.50
N THR B 176 -4.90 -18.49 -13.82
CA THR B 176 -6.07 -17.67 -13.55
C THR B 176 -6.24 -17.54 -12.04
N VAL B 177 -6.38 -16.32 -11.56
CA VAL B 177 -6.78 -16.04 -10.19
C VAL B 177 -8.20 -15.46 -10.23
N LEU B 178 -9.14 -16.15 -9.59
CA LEU B 178 -10.54 -15.75 -9.55
C LEU B 178 -10.88 -15.13 -8.21
N ILE B 179 -11.59 -14.00 -8.23
CA ILE B 179 -12.02 -13.42 -6.97
C ILE B 179 -13.04 -14.32 -6.29
N ASN B 180 -13.85 -15.02 -7.08
CA ASN B 180 -14.94 -15.86 -6.60
C ASN B 180 -15.42 -16.71 -7.78
N ASN B 181 -16.25 -17.72 -7.49
CA ASN B 181 -16.72 -18.62 -8.53
C ASN B 181 -17.33 -17.83 -9.67
N ILE B 182 -17.14 -18.31 -10.90
CA ILE B 182 -17.84 -17.72 -12.03
C ILE B 182 -19.33 -17.78 -11.74
N ASN B 183 -20.01 -16.66 -11.96
CA ASN B 183 -21.45 -16.52 -11.78
C ASN B 183 -21.88 -16.63 -10.31
N ALA B 184 -20.96 -16.51 -9.37
CA ALA B 184 -21.34 -16.46 -7.97
C ALA B 184 -22.09 -15.16 -7.68
N PRO B 185 -22.81 -15.10 -6.55
CA PRO B 185 -23.48 -13.86 -6.19
C PRO B 185 -22.50 -12.74 -5.86
N PHE B 186 -23.00 -11.52 -5.98
CA PHE B 186 -22.20 -10.32 -5.72
C PHE B 186 -21.59 -10.33 -4.32
N LEU B 187 -20.32 -9.93 -4.23
CA LEU B 187 -19.61 -9.82 -2.96
C LEU B 187 -19.63 -8.38 -2.49
N PRO B 188 -20.32 -8.04 -1.39
CA PRO B 188 -20.28 -6.67 -0.88
C PRO B 188 -19.02 -6.33 -0.10
N ASP B 189 -18.21 -7.32 0.27
CA ASP B 189 -17.02 -7.08 1.09
C ASP B 189 -15.74 -7.26 0.26
N PRO B 190 -14.76 -6.38 0.43
CA PRO B 190 -13.49 -6.57 -0.27
C PRO B 190 -12.85 -7.90 0.09
N VAL B 191 -12.22 -8.52 -0.91
CA VAL B 191 -11.43 -9.74 -0.73
C VAL B 191 -9.99 -9.32 -0.50
N ILE B 192 -9.44 -9.71 0.65
CA ILE B 192 -8.14 -9.23 1.08
C ILE B 192 -7.13 -10.38 0.98
N VAL B 193 -6.13 -10.19 0.11
CA VAL B 193 -5.10 -11.19 -0.16
C VAL B 193 -3.79 -10.65 0.37
N THR B 194 -3.29 -11.26 1.45
CA THR B 194 -2.10 -10.78 2.14
C THR B 194 -0.88 -11.44 1.50
N GLY B 195 -0.01 -10.62 0.92
CA GLY B 195 1.17 -11.10 0.25
C GLY B 195 1.48 -10.27 -0.97
N ASN B 196 2.53 -10.63 -1.70
CA ASN B 196 2.92 -9.93 -2.91
C ASN B 196 2.40 -10.68 -4.13
N MET B 197 1.99 -9.93 -5.14
CA MET B 197 1.54 -10.46 -6.41
C MET B 197 2.62 -10.26 -7.46
N THR B 198 2.89 -11.30 -8.23
CA THR B 198 3.67 -11.22 -9.46
C THR B 198 2.78 -11.75 -10.58
N LEU B 199 2.31 -10.85 -11.43
CA LEU B 199 1.38 -11.21 -12.50
C LEU B 199 2.20 -11.50 -13.75
N GLU B 200 2.47 -12.79 -13.96
CA GLU B 200 3.33 -13.25 -15.06
C GLU B 200 2.60 -13.09 -16.39
N LYS B 201 3.36 -13.24 -17.47
CA LYS B 201 2.87 -12.89 -18.79
C LYS B 201 1.58 -13.62 -19.13
N ASN B 202 1.50 -14.91 -18.80
CA ASN B 202 0.31 -15.70 -19.13
C ASN B 202 -0.81 -15.53 -18.12
N GLY B 203 -0.56 -14.85 -17.00
CA GLY B 203 -1.52 -14.84 -15.91
C GLY B 203 -2.68 -13.90 -16.14
N HIS B 204 -3.75 -14.16 -15.40
CA HIS B 204 -4.99 -13.41 -15.51
C HIS B 204 -5.56 -13.27 -14.11
N VAL B 205 -6.01 -12.07 -13.75
CA VAL B 205 -6.67 -11.82 -12.46
C VAL B 205 -8.07 -11.29 -12.75
N ILE B 206 -9.08 -12.00 -12.28
CA ILE B 206 -10.46 -11.75 -12.67
C ILE B 206 -11.20 -11.19 -11.47
N LEU B 207 -11.63 -9.93 -11.58
CA LEU B 207 -12.52 -9.33 -10.60
C LEU B 207 -13.98 -9.41 -11.02
N ASN B 208 -14.24 -9.50 -12.31
CA ASN B 208 -15.59 -9.47 -12.84
C ASN B 208 -15.99 -10.91 -13.16
N ASN B 209 -16.33 -11.65 -12.11
CA ASN B 209 -16.68 -13.07 -12.22
C ASN B 209 -18.09 -13.30 -12.75
N SER B 210 -18.92 -12.26 -12.81
CA SER B 210 -20.19 -12.34 -13.52
C SER B 210 -20.55 -10.96 -14.03
N SER B 211 -21.44 -10.93 -15.02
CA SER B 211 -21.83 -9.67 -15.65
C SER B 211 -22.59 -8.75 -14.71
N SER B 212 -23.16 -9.27 -13.63
CA SER B 212 -24.02 -8.51 -12.73
C SER B 212 -23.33 -8.11 -11.43
N ASN B 213 -22.02 -8.34 -11.31
CA ASN B 213 -21.30 -8.14 -10.05
C ASN B 213 -20.43 -6.90 -10.04
N VAL B 214 -20.77 -5.88 -10.84
CA VAL B 214 -19.96 -4.67 -10.85
C VAL B 214 -20.00 -4.04 -9.47
N GLY B 215 -18.83 -3.76 -8.91
CA GLY B 215 -18.73 -3.11 -7.61
C GLY B 215 -17.97 -3.90 -6.58
N GLN B 216 -17.22 -4.91 -7.02
CA GLN B 216 -16.43 -5.72 -6.11
C GLN B 216 -15.05 -5.11 -5.94
N THR B 217 -14.34 -5.56 -4.91
CA THR B 217 -13.04 -5.01 -4.57
C THR B 217 -12.06 -6.13 -4.25
N TYR B 218 -10.90 -6.09 -4.88
CA TYR B 218 -9.80 -6.99 -4.60
C TYR B 218 -8.70 -6.15 -3.96
N VAL B 219 -8.24 -6.55 -2.78
CA VAL B 219 -7.15 -5.87 -2.09
C VAL B 219 -5.94 -6.78 -2.08
N GLN B 220 -4.87 -6.35 -2.72
CA GLN B 220 -3.58 -7.01 -2.57
C GLN B 220 -2.85 -6.31 -1.43
N LYS B 221 -2.89 -6.94 -0.26
CA LYS B 221 -2.27 -6.37 0.94
C LYS B 221 -0.79 -6.71 0.86
N GLY B 222 -0.10 -5.94 0.04
CA GLY B 222 1.29 -6.17 -0.30
C GLY B 222 1.61 -5.44 -1.58
N ASN B 223 2.68 -5.87 -2.24
CA ASN B 223 3.12 -5.25 -3.48
C ASN B 223 2.52 -5.96 -4.69
N TRP B 224 2.61 -5.30 -5.84
CA TRP B 224 2.04 -5.81 -7.09
C TRP B 224 3.08 -5.59 -8.19
N HIS B 225 3.62 -6.67 -8.73
CA HIS B 225 4.60 -6.59 -9.82
C HIS B 225 4.01 -7.26 -11.07
N GLY B 226 3.98 -6.53 -12.16
CA GLY B 226 3.41 -7.01 -13.40
C GLY B 226 4.51 -7.38 -14.38
N LYS B 227 4.36 -8.56 -14.98
CA LYS B 227 5.24 -9.01 -16.04
C LYS B 227 4.46 -9.30 -17.31
N GLY B 228 3.39 -8.54 -17.53
CA GLY B 228 2.67 -8.57 -18.78
C GLY B 228 1.34 -9.30 -18.76
N GLY B 229 0.93 -9.81 -17.60
CA GLY B 229 -0.38 -10.43 -17.46
C GLY B 229 -1.50 -9.40 -17.42
N ILE B 230 -2.70 -9.91 -17.18
CA ILE B 230 -3.93 -9.17 -17.46
C ILE B 230 -4.82 -9.10 -16.23
N LEU B 231 -5.30 -7.90 -15.93
CA LEU B 231 -6.31 -7.66 -14.90
C LEU B 231 -7.63 -7.33 -15.56
N SER B 232 -8.68 -8.05 -15.21
CA SER B 232 -10.01 -7.87 -15.80
C SER B 232 -10.98 -7.29 -14.78
N LEU B 233 -11.69 -6.22 -15.18
CA LEU B 233 -12.59 -5.47 -14.33
C LEU B 233 -13.86 -5.16 -15.11
N GLY B 234 -14.95 -4.97 -14.38
CA GLY B 234 -16.20 -4.51 -14.96
C GLY B 234 -16.61 -3.17 -14.37
N ALA B 235 -17.35 -2.40 -15.16
CA ALA B 235 -17.81 -1.09 -14.71
C ALA B 235 -19.06 -0.69 -15.47
N VAL B 236 -19.90 0.11 -14.81
CA VAL B 236 -21.06 0.74 -15.44
C VAL B 236 -20.60 2.13 -15.84
N LEU B 237 -20.07 2.25 -17.06
CA LEU B 237 -19.28 3.42 -17.43
C LEU B 237 -20.18 4.63 -17.70
N GLY B 238 -19.96 5.67 -16.90
CA GLY B 238 -20.64 6.95 -17.07
C GLY B 238 -19.69 8.07 -16.69
N ASN B 239 -20.03 8.82 -15.65
CA ASN B 239 -19.18 9.90 -15.20
C ASN B 239 -18.29 9.40 -14.05
N ASP B 240 -17.70 10.33 -13.29
CA ASP B 240 -16.76 9.97 -12.24
C ASP B 240 -17.39 9.05 -11.19
N ASN B 241 -18.70 9.09 -11.03
CA ASN B 241 -19.39 8.32 -10.00
C ASN B 241 -19.83 6.95 -10.49
N SER B 242 -19.29 6.48 -11.61
CA SER B 242 -19.67 5.19 -12.15
C SER B 242 -19.41 4.08 -11.13
N LYS B 243 -20.36 3.15 -11.03
CA LYS B 243 -20.09 1.91 -10.30
C LYS B 243 -19.02 1.12 -11.03
N THR B 244 -18.08 0.58 -10.28
CA THR B 244 -16.96 -0.12 -10.90
C THR B 244 -16.35 -1.08 -9.91
N ASP B 245 -15.79 -2.16 -10.43
CA ASP B 245 -14.84 -2.96 -9.68
C ASP B 245 -13.60 -2.12 -9.40
N ARG B 246 -12.92 -2.43 -8.30
CA ARG B 246 -11.71 -1.72 -7.91
C ARG B 246 -10.63 -2.71 -7.50
N LEU B 247 -9.39 -2.39 -7.85
CA LEU B 247 -8.22 -3.05 -7.30
C LEU B 247 -7.54 -2.06 -6.35
N GLU B 248 -7.18 -2.55 -5.17
CA GLU B 248 -6.50 -1.77 -4.14
C GLU B 248 -5.23 -2.53 -3.77
N ILE B 249 -4.09 -1.85 -3.87
CA ILE B 249 -2.78 -2.41 -3.59
C ILE B 249 -2.18 -1.66 -2.42
N ALA B 250 -1.98 -2.34 -1.29
CA ALA B 250 -1.51 -1.61 -0.11
C ALA B 250 -0.08 -1.10 -0.27
N GLY B 251 0.70 -1.69 -1.17
CA GLY B 251 2.09 -1.33 -1.36
C GLY B 251 2.37 -0.71 -2.73
N HIS B 252 3.46 -1.16 -3.36
CA HIS B 252 4.02 -0.54 -4.56
C HIS B 252 3.63 -1.34 -5.81
N ALA B 253 3.12 -0.65 -6.84
CA ALA B 253 2.83 -1.28 -8.13
C ALA B 253 3.96 -0.99 -9.11
N SER B 254 4.54 -2.07 -9.65
CA SER B 254 5.71 -1.99 -10.50
C SER B 254 5.50 -2.88 -11.72
N GLY B 255 6.45 -2.84 -12.65
CA GLY B 255 6.33 -3.63 -13.85
C GLY B 255 5.21 -3.13 -14.75
N ILE B 256 4.61 -4.08 -15.48
CA ILE B 256 3.54 -3.79 -16.43
C ILE B 256 2.42 -4.80 -16.20
N THR B 257 1.22 -4.28 -15.94
CA THR B 257 -0.02 -5.05 -15.93
C THR B 257 -0.97 -4.47 -16.96
N TYR B 258 -1.51 -5.32 -17.83
CA TYR B 258 -2.51 -4.86 -18.80
C TYR B 258 -3.90 -4.94 -18.17
N VAL B 259 -4.74 -3.95 -18.50
CA VAL B 259 -6.04 -3.78 -17.85
C VAL B 259 -7.12 -3.91 -18.90
N ALA B 260 -8.00 -4.90 -18.73
CA ALA B 260 -9.13 -5.12 -19.61
C ALA B 260 -10.42 -4.76 -18.88
N VAL B 261 -11.11 -3.73 -19.36
CA VAL B 261 -12.31 -3.22 -18.71
C VAL B 261 -13.50 -3.59 -19.58
N THR B 262 -14.52 -4.18 -18.95
CA THR B 262 -15.76 -4.53 -19.61
C THR B 262 -16.85 -3.56 -19.16
N ASN B 263 -17.60 -3.02 -20.11
CA ASN B 263 -18.73 -2.15 -19.81
C ASN B 263 -19.97 -3.00 -19.59
N GLU B 264 -20.67 -2.76 -18.49
CA GLU B 264 -21.89 -3.49 -18.16
C GLU B 264 -23.04 -2.50 -18.00
N GLY B 265 -23.61 -2.10 -19.14
CA GLY B 265 -24.82 -1.30 -19.12
C GLY B 265 -24.62 0.21 -19.05
N GLY B 266 -23.38 0.68 -18.95
CA GLY B 266 -23.15 2.11 -18.90
C GLY B 266 -23.48 2.77 -20.23
N SER B 267 -24.08 3.95 -20.16
CA SER B 267 -24.43 4.72 -21.34
C SER B 267 -23.35 5.70 -21.76
N GLY B 268 -22.33 5.91 -20.95
CA GLY B 268 -21.27 6.86 -21.28
C GLY B 268 -21.61 8.27 -20.85
N ASP B 269 -20.58 9.01 -20.47
CA ASP B 269 -20.74 10.39 -20.03
C ASP B 269 -19.34 11.00 -19.90
N LYS B 270 -19.31 12.33 -19.78
CA LYS B 270 -18.05 13.02 -19.56
C LYS B 270 -17.52 12.71 -18.16
N THR B 271 -16.21 12.51 -18.07
CA THR B 271 -15.53 12.36 -16.79
C THR B 271 -14.86 13.69 -16.45
N LEU B 272 -15.22 14.25 -15.29
CA LEU B 272 -14.61 15.50 -14.86
C LEU B 272 -13.17 15.27 -14.40
N GLU B 273 -12.96 14.31 -13.51
CA GLU B 273 -11.65 13.95 -13.02
C GLU B 273 -11.23 12.53 -13.41
N GLY B 274 -12.18 11.64 -13.69
CA GLY B 274 -11.89 10.27 -14.03
C GLY B 274 -12.58 9.28 -13.13
N VAL B 275 -12.84 8.08 -13.65
CA VAL B 275 -13.40 7.00 -12.84
C VAL B 275 -12.23 6.24 -12.22
N GLN B 276 -12.15 6.24 -10.89
CA GLN B 276 -11.03 5.61 -10.20
C GLN B 276 -11.25 4.10 -10.14
N ILE B 277 -10.27 3.34 -10.66
CA ILE B 277 -10.41 1.88 -10.75
C ILE B 277 -9.29 1.15 -10.01
N ILE B 278 -8.13 1.79 -9.86
CA ILE B 278 -7.01 1.17 -9.15
C ILE B 278 -6.43 2.19 -8.19
N SER B 279 -6.01 1.72 -7.02
CA SER B 279 -5.36 2.58 -6.05
C SER B 279 -4.15 1.83 -5.50
N THR B 280 -3.09 2.58 -5.22
CA THR B 280 -1.83 2.02 -4.74
C THR B 280 -1.27 2.95 -3.68
N ASP B 281 -0.30 2.46 -2.90
CA ASP B 281 0.51 3.38 -2.12
C ASP B 281 1.40 4.20 -3.04
N SER B 282 1.95 3.55 -4.06
CA SER B 282 2.75 4.22 -5.07
C SER B 282 2.81 3.31 -6.30
N SER B 283 2.94 3.95 -7.46
CA SER B 283 2.99 3.28 -8.76
C SER B 283 4.10 3.89 -9.60
N ASP B 284 4.84 3.03 -10.28
CA ASP B 284 5.76 3.43 -11.33
C ASP B 284 4.97 3.86 -12.57
N LYS B 285 5.65 4.61 -13.44
CA LYS B 285 5.07 4.98 -14.72
C LYS B 285 4.73 3.73 -15.51
N ASN B 286 3.61 3.78 -16.24
CA ASN B 286 3.09 2.68 -17.06
C ASN B 286 3.04 1.36 -16.30
N ALA B 287 2.81 1.44 -14.98
CA ALA B 287 2.58 0.21 -14.21
C ALA B 287 1.31 -0.49 -14.66
N PHE B 288 0.34 0.28 -15.16
CA PHE B 288 -0.87 -0.29 -15.72
C PHE B 288 -1.06 0.30 -17.12
N ILE B 289 -1.40 -0.56 -18.08
CA ILE B 289 -1.58 -0.17 -19.47
C ILE B 289 -2.88 -0.77 -19.97
N GLN B 290 -3.69 0.05 -20.65
CA GLN B 290 -4.98 -0.41 -21.15
C GLN B 290 -4.77 -1.47 -22.24
N LYS B 291 -5.61 -2.50 -22.22
CA LYS B 291 -5.66 -3.49 -23.29
C LYS B 291 -7.10 -3.62 -23.75
N GLY B 292 -7.37 -3.18 -24.97
CA GLY B 292 -8.72 -3.23 -25.51
C GLY B 292 -9.45 -1.91 -25.38
N ARG B 293 -10.21 -1.55 -26.40
CA ARG B 293 -10.98 -0.32 -26.37
C ARG B 293 -12.06 -0.41 -25.29
N ILE B 294 -12.49 0.75 -24.82
CA ILE B 294 -13.51 0.87 -23.78
C ILE B 294 -14.48 1.94 -24.27
N VAL B 295 -15.66 1.52 -24.72
CA VAL B 295 -16.66 2.43 -25.25
C VAL B 295 -17.97 2.23 -24.51
N ALA B 296 -18.63 3.34 -24.17
CA ALA B 296 -19.98 3.34 -23.64
C ALA B 296 -20.72 4.49 -24.30
N GLY B 297 -21.76 4.16 -25.07
CA GLY B 297 -22.46 5.18 -25.82
C GLY B 297 -21.52 5.86 -26.80
N SER B 298 -21.55 7.20 -26.79
CA SER B 298 -20.71 7.99 -27.68
C SER B 298 -19.38 8.40 -27.04
N TYR B 299 -18.88 7.63 -26.07
CA TYR B 299 -17.68 7.99 -25.34
C TYR B 299 -16.63 6.89 -25.41
N ASP B 300 -15.38 7.30 -25.50
CA ASP B 300 -14.22 6.40 -25.47
C ASP B 300 -13.43 6.70 -24.20
N TYR B 301 -13.18 5.67 -23.41
CA TYR B 301 -12.49 5.81 -22.13
C TYR B 301 -11.04 5.35 -22.27
N ARG B 302 -10.13 6.10 -21.64
CA ARG B 302 -8.71 5.76 -21.66
C ARG B 302 -8.19 5.71 -20.23
N LEU B 303 -7.33 4.73 -19.97
CA LEU B 303 -6.67 4.62 -18.69
C LEU B 303 -5.68 5.78 -18.50
N LYS B 304 -5.63 6.33 -17.30
CA LYS B 304 -4.74 7.44 -17.00
C LYS B 304 -4.15 7.29 -15.61
N GLN B 305 -2.88 7.63 -15.46
CA GLN B 305 -2.27 7.73 -14.14
C GLN B 305 -2.58 9.10 -13.56
N GLY B 306 -3.24 9.11 -12.40
CA GLY B 306 -3.68 10.35 -11.79
C GLY B 306 -4.94 10.90 -12.45
N THR B 307 -5.54 11.89 -11.79
CA THR B 307 -6.79 12.44 -12.28
C THR B 307 -6.53 13.34 -13.49
N VAL B 308 -7.62 13.79 -14.11
CA VAL B 308 -7.54 14.74 -15.22
C VAL B 308 -6.65 15.91 -14.85
N SER B 309 -6.79 16.40 -13.61
CA SER B 309 -6.07 17.59 -13.16
C SER B 309 -4.72 17.27 -12.52
N GLY B 310 -4.36 15.99 -12.40
CA GLY B 310 -3.04 15.61 -11.96
C GLY B 310 -2.93 15.19 -10.50
N LEU B 311 -4.04 15.03 -9.79
CA LEU B 311 -3.99 14.59 -8.40
C LEU B 311 -3.85 13.07 -8.32
N ASN B 312 -3.24 12.61 -7.23
CA ASN B 312 -3.15 11.19 -6.88
C ASN B 312 -2.61 10.35 -8.03
N THR B 313 -1.34 10.58 -8.35
CA THR B 313 -0.64 9.72 -9.29
C THR B 313 -0.39 8.32 -8.74
N ASN B 314 -0.79 8.06 -7.48
CA ASN B 314 -0.83 6.71 -6.97
C ASN B 314 -2.10 5.97 -7.36
N LYS B 315 -3.03 6.65 -8.02
CA LYS B 315 -4.29 6.07 -8.43
C LYS B 315 -4.41 6.12 -9.95
N TRP B 316 -5.18 5.18 -10.49
CA TRP B 316 -5.38 5.05 -11.92
C TRP B 316 -6.87 5.18 -12.24
N TYR B 317 -7.17 5.94 -13.29
CA TYR B 317 -8.51 6.37 -13.61
C TYR B 317 -8.84 6.05 -15.07
N LEU B 318 -10.14 6.03 -15.37
CA LEU B 318 -10.63 6.02 -16.74
C LEU B 318 -11.22 7.38 -17.04
N THR B 319 -10.69 8.05 -18.07
CA THR B 319 -11.18 9.35 -18.51
C THR B 319 -11.79 9.24 -19.89
N SER B 320 -12.84 9.99 -20.13
CA SER B 320 -13.61 9.87 -21.35
C SER B 320 -13.45 11.08 -22.24
N GLN B 321 -13.70 10.86 -23.53
CA GLN B 321 -13.93 11.95 -24.46
C GLN B 321 -14.75 11.39 -25.62
N MET B 322 -15.43 12.29 -26.31
CA MET B 322 -16.39 11.90 -27.34
C MET B 322 -15.64 11.56 -28.62
N ASP B 323 -15.71 10.29 -29.03
CA ASP B 323 -15.09 9.86 -30.28
C ASP B 323 -15.66 10.62 -31.47
NI NI C . 8.98 0.57 -8.80
#